data_3B6R
#
_entry.id   3B6R
#
_cell.length_a   96.817
_cell.length_b   96.817
_cell.length_c   166.229
_cell.angle_alpha   90.000
_cell.angle_beta   90.000
_cell.angle_gamma   90.000
#
_symmetry.space_group_name_H-M   'P 43 21 2'
#
loop_
_entity.id
_entity.type
_entity.pdbx_description
1 polymer 'Creatine kinase B-type'
2 non-polymer 'ACETATE ION'
3 non-polymer 'MAGNESIUM ION'
4 non-polymer 'NITRATE ION'
5 non-polymer "ADENOSINE-5'-DIPHOSPHATE"
6 non-polymer N-[(E)-AMINO(IMINO)METHYL]-N-METHYLGLYCINE
7 water water
#
_entity_poly.entity_id   1
_entity_poly.type   'polypeptide(L)'
_entity_poly.pdbx_seq_one_letter_code
;MPFSNSHNALKLRFPAEDEFPDLSAHNNHMAKVLTPELYAELRAKSTPSGFTLDDVIQTGVDNPGHPYIMTVGCVAGDEE
SYEVFKDLFDPIIEDRHGGYKPSDEHKTDLNPDNLQGGDDLDPNYVLSSRVRTGRSIRGFCLPPHCSRGERRAIEKLAVE
ALSSLDGDLAGRYYALKSMTEAEQQQLIDDHFLFDKPVSPLLLASGMARDWPDARGIWHNDNKTFLVWVNEEDHLRVISM
QKGGNMKEVFTRFCTGLTQIETLFKSKDYEFMWNPHLGYILTCPSNLGTGLRAGVHIKLPNLGKHEKFSEVLKRLRLQKR
GTGGVDTAAVGGVFDVSNADRLGFSEVELVQMVVDGVKLLIEMEQRLEQGQAIDDLMPAQK
;
_entity_poly.pdbx_strand_id   A,B
#
# COMPACT_ATOMS: atom_id res chain seq x y z
N SER A 6 -16.43 14.39 37.01
CA SER A 6 -17.91 14.60 36.95
C SER A 6 -18.52 13.63 35.95
N HIS A 7 -18.04 13.68 34.71
CA HIS A 7 -18.54 12.77 33.69
C HIS A 7 -18.07 11.37 34.09
N ASN A 8 -16.85 11.30 34.60
CA ASN A 8 -16.27 10.03 35.02
C ASN A 8 -17.06 9.51 36.22
N ALA A 9 -17.55 10.43 37.04
CA ALA A 9 -18.32 10.08 38.22
C ALA A 9 -19.59 9.35 37.76
N LEU A 10 -20.12 9.78 36.63
CA LEU A 10 -21.32 9.15 36.07
C LEU A 10 -21.01 7.71 35.65
N LYS A 11 -19.90 7.53 34.94
CA LYS A 11 -19.49 6.20 34.48
C LYS A 11 -19.24 5.27 35.66
N LEU A 12 -18.74 5.83 36.77
CA LEU A 12 -18.47 5.06 37.98
C LEU A 12 -19.74 4.47 38.60
N ARG A 13 -20.90 5.01 38.24
CA ARG A 13 -22.16 4.50 38.77
C ARG A 13 -22.50 3.18 38.09
N PHE A 14 -21.91 2.93 36.92
CA PHE A 14 -22.13 1.69 36.19
C PHE A 14 -21.11 0.66 36.65
N PRO A 15 -21.48 -0.63 36.63
CA PRO A 15 -20.54 -1.67 37.04
C PRO A 15 -19.36 -1.57 36.08
N ALA A 16 -18.16 -1.85 36.57
CA ALA A 16 -16.98 -1.77 35.71
C ALA A 16 -17.13 -2.54 34.41
N GLU A 17 -17.72 -3.75 34.48
CA GLU A 17 -17.87 -4.56 33.27
C GLU A 17 -18.89 -4.02 32.27
N ASP A 18 -19.66 -3.02 32.69
CA ASP A 18 -20.64 -2.41 31.79
C ASP A 18 -19.94 -1.32 30.97
N GLU A 19 -18.86 -0.76 31.52
CA GLU A 19 -18.10 0.28 30.84
C GLU A 19 -16.86 -0.31 30.14
N PHE A 20 -16.49 -1.53 30.52
CA PHE A 20 -15.34 -2.23 29.95
C PHE A 20 -15.45 -2.35 28.43
N PRO A 21 -14.42 -1.90 27.69
CA PRO A 21 -14.45 -1.98 26.23
C PRO A 21 -14.42 -3.40 25.67
N ASP A 22 -15.15 -3.60 24.57
CA ASP A 22 -15.17 -4.90 23.91
C ASP A 22 -13.96 -4.94 22.99
N LEU A 23 -12.92 -5.64 23.44
CA LEU A 23 -11.69 -5.74 22.66
C LEU A 23 -11.47 -7.17 22.17
N SER A 24 -12.55 -7.89 21.98
CA SER A 24 -12.48 -9.29 21.53
C SER A 24 -11.83 -9.46 20.16
N ALA A 25 -12.02 -8.49 19.29
CA ALA A 25 -11.45 -8.56 17.94
C ALA A 25 -10.27 -7.60 17.77
N HIS A 26 -9.75 -7.08 18.89
CA HIS A 26 -8.65 -6.15 18.84
C HIS A 26 -7.26 -6.78 18.86
N ASN A 27 -6.31 -6.03 18.31
CA ASN A 27 -4.91 -6.46 18.22
C ASN A 27 -3.95 -5.30 18.43
N ASN A 28 -3.88 -4.78 19.65
CA ASN A 28 -2.96 -3.70 19.95
C ASN A 28 -2.44 -3.89 21.36
N HIS A 29 -1.33 -3.24 21.68
CA HIS A 29 -0.73 -3.36 23.00
C HIS A 29 -1.67 -3.05 24.14
N MET A 30 -2.48 -2.00 23.99
CA MET A 30 -3.43 -1.63 25.02
C MET A 30 -4.38 -2.80 25.31
N ALA A 31 -4.98 -3.35 24.27
CA ALA A 31 -5.91 -4.46 24.41
C ALA A 31 -5.26 -5.68 25.08
N LYS A 32 -4.01 -5.94 24.75
CA LYS A 32 -3.28 -7.06 25.30
C LYS A 32 -3.13 -6.97 26.82
N VAL A 33 -2.92 -5.78 27.35
CA VAL A 33 -2.73 -5.61 28.79
C VAL A 33 -3.97 -5.22 29.60
N LEU A 34 -4.96 -4.61 28.95
CA LEU A 34 -6.16 -4.20 29.67
C LEU A 34 -7.08 -5.35 30.09
N THR A 35 -6.88 -5.86 31.30
CA THR A 35 -7.71 -6.95 31.81
C THR A 35 -8.91 -6.36 32.51
N PRO A 36 -9.99 -7.15 32.65
CA PRO A 36 -11.19 -6.65 33.32
C PRO A 36 -10.80 -6.07 34.69
N GLU A 37 -9.85 -6.73 35.35
CA GLU A 37 -9.38 -6.30 36.67
C GLU A 37 -8.65 -4.96 36.62
N LEU A 38 -7.71 -4.81 35.70
CA LEU A 38 -6.95 -3.56 35.59
C LEU A 38 -7.87 -2.38 35.29
N TYR A 39 -8.89 -2.60 34.48
CA TYR A 39 -9.82 -1.53 34.15
C TYR A 39 -10.60 -1.05 35.37
N ALA A 40 -11.15 -1.99 36.14
CA ALA A 40 -11.91 -1.64 37.35
C ALA A 40 -11.02 -0.94 38.34
N GLU A 41 -9.75 -1.32 38.29
CA GLU A 41 -8.73 -0.80 39.18
C GLU A 41 -8.28 0.63 38.87
N LEU A 42 -8.24 0.98 37.60
CA LEU A 42 -7.78 2.30 37.19
C LEU A 42 -8.81 3.29 36.65
N ARG A 43 -10.01 2.83 36.30
CA ARG A 43 -11.01 3.72 35.73
C ARG A 43 -11.46 4.90 36.59
N ALA A 44 -11.25 4.83 37.89
CA ALA A 44 -11.66 5.92 38.75
C ALA A 44 -10.56 6.98 38.92
N LYS A 45 -9.35 6.65 38.49
CA LYS A 45 -8.21 7.57 38.61
C LYS A 45 -8.22 8.73 37.62
N SER A 46 -7.48 9.78 37.96
CA SER A 46 -7.39 10.94 37.10
C SER A 46 -6.11 11.73 37.36
N THR A 47 -5.58 12.36 36.31
CA THR A 47 -4.38 13.18 36.45
C THR A 47 -4.88 14.55 36.86
N PRO A 48 -3.96 15.43 37.30
CA PRO A 48 -4.36 16.78 37.72
C PRO A 48 -5.11 17.55 36.64
N SER A 49 -4.83 17.26 35.37
CA SER A 49 -5.50 17.94 34.27
C SER A 49 -6.83 17.28 33.94
N GLY A 50 -7.14 16.19 34.63
CA GLY A 50 -8.41 15.51 34.40
C GLY A 50 -8.37 14.39 33.38
N PHE A 51 -7.18 13.93 33.01
CA PHE A 51 -7.06 12.85 32.03
C PHE A 51 -7.34 11.51 32.72
N THR A 52 -8.26 10.74 32.17
CA THR A 52 -8.63 9.46 32.78
C THR A 52 -8.20 8.26 31.96
N LEU A 53 -8.41 7.07 32.50
CA LEU A 53 -8.05 5.86 31.79
C LEU A 53 -8.84 5.76 30.48
N ASP A 54 -10.12 6.14 30.50
CA ASP A 54 -10.91 6.07 29.27
C ASP A 54 -10.28 6.99 28.22
N ASP A 55 -9.74 8.12 28.66
CA ASP A 55 -9.11 9.04 27.70
C ASP A 55 -7.84 8.40 27.14
N VAL A 56 -7.05 7.78 28.01
CA VAL A 56 -5.81 7.13 27.58
C VAL A 56 -6.01 6.05 26.52
N ILE A 57 -7.00 5.19 26.73
CA ILE A 57 -7.24 4.06 25.83
C ILE A 57 -8.21 4.27 24.67
N GLN A 58 -8.87 5.43 24.60
CA GLN A 58 -9.86 5.63 23.54
C GLN A 58 -9.40 5.25 22.13
N THR A 59 -8.21 5.67 21.73
CA THR A 59 -7.75 5.34 20.38
C THR A 59 -7.58 3.83 20.18
N GLY A 60 -7.15 3.14 21.22
CA GLY A 60 -6.97 1.70 21.12
C GLY A 60 -8.31 0.97 21.06
N VAL A 61 -9.35 1.58 21.59
CA VAL A 61 -10.68 0.97 21.54
C VAL A 61 -11.23 1.12 20.12
N ASP A 62 -11.10 2.33 19.59
CA ASP A 62 -11.60 2.67 18.25
C ASP A 62 -10.84 1.97 17.12
N ASN A 63 -9.54 1.77 17.31
CA ASN A 63 -8.72 1.15 16.27
C ASN A 63 -8.19 -0.21 16.71
N PRO A 64 -8.81 -1.29 16.22
CA PRO A 64 -8.48 -2.69 16.49
C PRO A 64 -7.05 -3.08 16.22
N GLY A 65 -6.43 -2.45 15.23
CA GLY A 65 -5.06 -2.78 14.87
C GLY A 65 -5.04 -4.04 14.02
N HIS A 66 -3.93 -4.77 14.03
CA HIS A 66 -3.80 -5.99 13.24
C HIS A 66 -2.80 -6.97 13.82
N PRO A 67 -3.04 -8.28 13.64
CA PRO A 67 -2.15 -9.33 14.15
C PRO A 67 -0.68 -9.08 13.83
N TYR A 68 -0.36 -8.93 12.55
CA TYR A 68 1.02 -8.71 12.15
C TYR A 68 1.57 -7.38 12.66
N ILE A 69 0.82 -6.31 12.42
CA ILE A 69 1.24 -4.99 12.86
C ILE A 69 0.42 -4.57 14.07
N MET A 70 0.97 -4.83 15.26
CA MET A 70 0.28 -4.48 16.49
C MET A 70 0.55 -3.00 16.80
N THR A 71 -0.53 -2.23 16.91
CA THR A 71 -0.42 -0.80 17.23
C THR A 71 -0.40 -0.66 18.76
N VAL A 72 -0.01 0.52 19.25
CA VAL A 72 0.07 0.74 20.69
C VAL A 72 -1.32 0.81 21.34
N GLY A 73 -2.23 1.55 20.73
CA GLY A 73 -3.58 1.63 21.24
C GLY A 73 -3.84 2.52 22.44
N CYS A 74 -2.95 3.46 22.72
CA CYS A 74 -3.15 4.36 23.84
C CYS A 74 -2.20 5.56 23.76
N VAL A 75 -2.52 6.61 24.48
CA VAL A 75 -1.69 7.82 24.49
C VAL A 75 -1.68 8.48 25.86
N ALA A 76 -0.66 9.28 26.11
CA ALA A 76 -0.59 10.01 27.37
C ALA A 76 -1.19 11.37 27.05
N GLY A 77 -1.88 11.97 28.01
CA GLY A 77 -2.49 13.28 27.80
C GLY A 77 -1.71 14.39 28.48
N ASP A 78 -0.76 13.98 29.31
CA ASP A 78 0.09 14.92 30.05
C ASP A 78 1.23 14.12 30.63
N GLU A 79 2.19 14.81 31.22
CA GLU A 79 3.34 14.13 31.80
C GLU A 79 2.94 13.15 32.90
N GLU A 80 1.91 13.50 33.68
CA GLU A 80 1.46 12.66 34.77
C GLU A 80 0.79 11.35 34.34
N SER A 81 0.29 11.30 33.11
CA SER A 81 -0.36 10.08 32.62
C SER A 81 0.49 8.83 32.78
N TYR A 82 1.80 8.94 32.53
CA TYR A 82 2.69 7.79 32.64
C TYR A 82 2.87 7.30 34.07
N GLU A 83 2.68 8.20 35.03
CA GLU A 83 2.80 7.85 36.43
C GLU A 83 1.48 7.27 36.93
N VAL A 84 0.43 8.08 36.84
CA VAL A 84 -0.90 7.68 37.28
C VAL A 84 -1.39 6.37 36.70
N PHE A 85 -1.13 6.14 35.41
CA PHE A 85 -1.56 4.91 34.76
C PHE A 85 -0.39 4.03 34.39
N LYS A 86 0.64 4.03 35.23
CA LYS A 86 1.83 3.22 34.96
C LYS A 86 1.53 1.74 34.84
N ASP A 87 0.54 1.24 35.57
CA ASP A 87 0.22 -0.18 35.50
C ASP A 87 -0.28 -0.58 34.11
N LEU A 88 -0.64 0.42 33.31
CA LEU A 88 -1.07 0.14 31.94
C LEU A 88 0.15 0.35 31.04
N PHE A 89 0.71 1.56 31.10
CA PHE A 89 1.87 1.90 30.29
C PHE A 89 3.11 1.02 30.47
N ASP A 90 3.45 0.64 31.70
CA ASP A 90 4.65 -0.18 31.91
C ASP A 90 4.70 -1.46 31.08
N PRO A 91 3.63 -2.28 31.12
CA PRO A 91 3.59 -3.53 30.34
C PRO A 91 3.65 -3.24 28.85
N ILE A 92 2.96 -2.19 28.43
CA ILE A 92 2.93 -1.80 27.03
C ILE A 92 4.33 -1.37 26.61
N ILE A 93 4.96 -0.55 27.45
CA ILE A 93 6.30 -0.08 27.16
C ILE A 93 7.29 -1.24 27.09
N GLU A 94 7.21 -2.15 28.07
CA GLU A 94 8.12 -3.29 28.11
C GLU A 94 7.99 -4.14 26.86
N ASP A 95 6.74 -4.38 26.45
CA ASP A 95 6.45 -5.19 25.28
C ASP A 95 6.88 -4.54 23.97
N ARG A 96 6.51 -3.28 23.78
CA ARG A 96 6.83 -2.56 22.57
C ARG A 96 8.33 -2.31 22.39
N HIS A 97 9.03 -2.05 23.48
CA HIS A 97 10.47 -1.79 23.39
C HIS A 97 11.34 -3.01 23.73
N GLY A 98 10.82 -4.18 23.40
CA GLY A 98 11.53 -5.43 23.61
C GLY A 98 12.19 -5.72 24.95
N GLY A 99 11.42 -5.64 26.04
CA GLY A 99 11.99 -5.95 27.34
C GLY A 99 12.40 -4.81 28.26
N TYR A 100 12.12 -3.57 27.89
CA TYR A 100 12.47 -2.44 28.74
C TYR A 100 11.63 -2.54 30.02
N LYS A 101 12.30 -2.85 31.13
CA LYS A 101 11.65 -3.02 32.43
C LYS A 101 11.28 -1.72 33.16
N PRO A 102 10.27 -1.79 34.06
CA PRO A 102 9.82 -0.62 34.80
C PRO A 102 10.95 -0.03 35.65
N SER A 103 11.93 -0.85 35.97
CA SER A 103 13.05 -0.39 36.79
C SER A 103 14.28 0.02 35.99
N ASP A 104 14.27 -0.21 34.68
CA ASP A 104 15.40 0.17 33.87
C ASP A 104 15.60 1.68 33.81
N GLU A 105 16.79 2.10 33.43
CA GLU A 105 17.10 3.51 33.32
C GLU A 105 17.41 3.86 31.87
N HIS A 106 17.07 5.07 31.46
CA HIS A 106 17.37 5.50 30.11
C HIS A 106 18.45 6.56 30.16
N LYS A 107 19.49 6.37 29.37
CA LYS A 107 20.59 7.32 29.32
C LYS A 107 20.49 8.21 28.08
N THR A 108 20.59 9.51 28.28
CA THR A 108 20.51 10.47 27.19
C THR A 108 21.93 10.94 26.88
N ASP A 109 22.29 10.98 25.59
CA ASP A 109 23.62 11.43 25.18
C ASP A 109 23.49 12.27 23.91
N LEU A 110 23.55 13.59 24.08
CA LEU A 110 23.44 14.51 22.95
C LEU A 110 24.79 15.15 22.65
N ASN A 111 25.84 14.35 22.79
CA ASN A 111 27.20 14.82 22.52
C ASN A 111 27.72 14.13 21.26
N PRO A 112 27.78 14.87 20.13
CA PRO A 112 28.24 14.39 18.83
C PRO A 112 29.65 13.80 18.84
N ASP A 113 30.50 14.28 19.74
CA ASP A 113 31.87 13.79 19.80
C ASP A 113 31.97 12.33 20.25
N ASN A 114 30.92 11.82 20.86
CA ASN A 114 30.90 10.45 21.33
C ASN A 114 30.60 9.52 20.15
N LEU A 115 30.18 10.12 19.04
CA LEU A 115 29.89 9.36 17.84
C LEU A 115 31.22 9.04 17.19
N GLN A 116 31.40 7.80 16.75
CA GLN A 116 32.65 7.39 16.12
C GLN A 116 32.46 7.29 14.61
N GLY A 117 33.20 8.09 13.86
CA GLY A 117 33.07 8.07 12.42
C GLY A 117 31.69 8.56 12.05
N GLY A 118 31.15 8.08 10.94
CA GLY A 118 29.82 8.49 10.53
C GLY A 118 29.78 9.76 9.71
N ASP A 119 30.94 10.31 9.40
CA ASP A 119 30.99 11.54 8.62
C ASP A 119 31.36 11.23 7.17
N ASP A 120 31.50 9.94 6.86
CA ASP A 120 31.90 9.54 5.53
C ASP A 120 31.13 8.38 4.89
N LEU A 121 29.84 8.28 5.17
CA LEU A 121 29.06 7.19 4.55
C LEU A 121 29.18 7.39 3.04
N ASP A 122 29.66 6.36 2.35
CA ASP A 122 29.86 6.40 0.91
C ASP A 122 28.74 7.12 0.16
N PRO A 123 29.02 8.35 -0.32
CA PRO A 123 28.02 9.12 -1.05
C PRO A 123 27.51 8.45 -2.32
N ASN A 124 28.21 7.43 -2.78
CA ASN A 124 27.79 6.71 -3.98
C ASN A 124 26.54 5.88 -3.68
N TYR A 125 26.25 5.71 -2.39
CA TYR A 125 25.08 4.93 -1.98
C TYR A 125 24.11 5.73 -1.14
N VAL A 126 24.63 6.52 -0.20
CA VAL A 126 23.80 7.31 0.68
C VAL A 126 23.48 8.65 0.00
N LEU A 127 22.21 8.83 -0.34
CA LEU A 127 21.77 10.05 -1.01
C LEU A 127 21.45 11.19 -0.04
N SER A 128 21.08 10.84 1.18
CA SER A 128 20.77 11.83 2.21
C SER A 128 20.74 11.19 3.59
N SER A 129 20.98 12.01 4.59
CA SER A 129 20.98 11.56 5.98
C SER A 129 20.13 12.48 6.82
N ARG A 130 19.50 11.92 7.85
CA ARG A 130 18.70 12.74 8.74
C ARG A 130 18.46 12.09 10.09
N VAL A 131 18.21 12.95 11.07
CA VAL A 131 17.96 12.54 12.44
C VAL A 131 16.80 13.38 12.94
N ARG A 132 15.81 12.73 13.53
CA ARG A 132 14.67 13.46 14.03
C ARG A 132 14.26 12.96 15.40
N THR A 133 13.57 13.82 16.14
CA THR A 133 13.11 13.48 17.46
C THR A 133 11.89 14.34 17.79
N GLY A 134 11.36 14.15 18.98
CA GLY A 134 10.21 14.93 19.44
C GLY A 134 10.49 15.39 20.85
N ARG A 135 9.88 16.51 21.24
CA ARG A 135 10.03 17.05 22.58
C ARG A 135 8.70 17.57 23.10
N SER A 136 8.55 17.57 24.42
CA SER A 136 7.36 18.09 25.08
C SER A 136 7.83 19.15 26.07
N ILE A 137 7.05 20.21 26.20
CA ILE A 137 7.38 21.28 27.13
C ILE A 137 6.65 21.02 28.45
N ARG A 138 7.41 20.84 29.52
CA ARG A 138 6.85 20.57 30.83
C ARG A 138 5.89 21.67 31.30
N GLY A 139 4.76 21.26 31.87
CA GLY A 139 3.79 22.23 32.34
C GLY A 139 2.55 22.32 31.45
N PHE A 140 2.61 21.73 30.27
CA PHE A 140 1.49 21.73 29.33
C PHE A 140 1.05 20.31 29.05
N CYS A 141 -0.24 20.15 28.76
CA CYS A 141 -0.77 18.83 28.43
C CYS A 141 -0.29 18.44 27.03
N LEU A 142 -0.30 17.16 26.74
CA LEU A 142 0.12 16.67 25.43
C LEU A 142 -1.01 16.91 24.41
N PRO A 143 -0.69 16.89 23.11
CA PRO A 143 -1.63 17.11 22.01
C PRO A 143 -3.03 16.51 22.11
N PRO A 144 -3.16 15.28 22.62
CA PRO A 144 -4.52 14.73 22.69
C PRO A 144 -5.43 15.49 23.65
N HIS A 145 -4.81 16.09 24.66
CA HIS A 145 -5.55 16.78 25.71
C HIS A 145 -5.34 18.28 25.85
N CYS A 146 -4.30 18.84 25.23
CA CYS A 146 -4.06 20.27 25.37
C CYS A 146 -5.20 21.15 24.87
N SER A 147 -5.42 22.26 25.56
CA SER A 147 -6.48 23.20 25.20
C SER A 147 -5.95 24.18 24.17
N ARG A 148 -6.85 24.90 23.50
CA ARG A 148 -6.43 25.87 22.50
C ARG A 148 -5.46 26.86 23.16
N GLY A 149 -5.72 27.17 24.42
CA GLY A 149 -4.86 28.09 25.15
C GLY A 149 -3.46 27.57 25.34
N GLU A 150 -3.33 26.34 25.80
CA GLU A 150 -2.03 25.72 26.01
C GLU A 150 -1.27 25.64 24.69
N ARG A 151 -1.95 25.15 23.66
CA ARG A 151 -1.35 25.00 22.35
C ARG A 151 -0.80 26.35 21.85
N ARG A 152 -1.60 27.40 21.98
CA ARG A 152 -1.16 28.73 21.55
C ARG A 152 0.02 29.21 22.39
N ALA A 153 0.04 28.85 23.68
CA ALA A 153 1.13 29.27 24.53
C ALA A 153 2.42 28.55 24.10
N ILE A 154 2.27 27.28 23.72
CA ILE A 154 3.41 26.48 23.27
C ILE A 154 3.94 27.08 21.97
N GLU A 155 3.04 27.42 21.06
CA GLU A 155 3.46 28.00 19.80
C GLU A 155 4.24 29.29 20.03
N LYS A 156 3.77 30.13 20.93
CA LYS A 156 4.45 31.38 21.21
C LYS A 156 5.86 31.14 21.73
N LEU A 157 5.98 30.21 22.69
CA LEU A 157 7.27 29.86 23.26
C LEU A 157 8.21 29.34 22.17
N ALA A 158 7.68 28.49 21.30
CA ALA A 158 8.48 27.92 20.22
C ALA A 158 8.96 28.98 19.23
N VAL A 159 8.05 29.80 18.74
CA VAL A 159 8.40 30.84 17.80
C VAL A 159 9.45 31.81 18.34
N GLU A 160 9.31 32.24 19.59
CA GLU A 160 10.26 33.16 20.20
C GLU A 160 11.66 32.59 20.09
N ALA A 161 11.82 31.38 20.61
CA ALA A 161 13.09 30.67 20.60
C ALA A 161 13.64 30.46 19.19
N LEU A 162 12.83 29.89 18.31
CA LEU A 162 13.27 29.63 16.95
C LEU A 162 13.72 30.91 16.24
N SER A 163 13.06 32.03 16.53
CA SER A 163 13.43 33.28 15.87
C SER A 163 14.72 33.86 16.46
N SER A 164 15.18 33.30 17.56
CA SER A 164 16.42 33.78 18.18
C SER A 164 17.63 33.07 17.58
N LEU A 165 17.38 31.93 16.94
CA LEU A 165 18.46 31.18 16.32
C LEU A 165 18.98 31.96 15.12
N ASP A 166 20.30 31.95 14.94
CA ASP A 166 20.91 32.67 13.82
C ASP A 166 22.04 31.88 13.16
N GLY A 167 22.71 32.53 12.21
CA GLY A 167 23.81 31.88 11.51
C GLY A 167 23.32 30.69 10.71
N ASP A 168 23.89 29.53 11.00
CA ASP A 168 23.52 28.29 10.33
C ASP A 168 22.06 27.91 10.59
N LEU A 169 21.54 28.32 11.74
CA LEU A 169 20.16 28.00 12.11
C LEU A 169 19.15 29.13 11.91
N ALA A 170 19.54 30.21 11.26
CA ALA A 170 18.63 31.30 11.00
C ALA A 170 17.53 30.77 10.09
N GLY A 171 16.27 31.13 10.37
CA GLY A 171 15.19 30.65 9.54
C GLY A 171 13.92 31.46 9.65
N ARG A 172 12.80 30.84 9.30
CA ARG A 172 11.52 31.51 9.38
C ARG A 172 10.40 30.55 9.72
N TYR A 173 9.32 31.10 10.28
CA TYR A 173 8.17 30.31 10.68
C TYR A 173 7.03 30.44 9.68
N TYR A 174 6.32 29.33 9.47
CA TYR A 174 5.17 29.32 8.58
C TYR A 174 3.96 28.75 9.31
N ALA A 175 3.00 29.59 9.64
CA ALA A 175 1.79 29.13 10.32
C ALA A 175 0.94 28.42 9.27
N LEU A 176 0.32 27.31 9.65
CA LEU A 176 -0.50 26.57 8.69
C LEU A 176 -1.72 27.40 8.30
N LYS A 177 -2.30 28.07 9.29
CA LYS A 177 -3.48 28.90 9.09
C LYS A 177 -3.35 29.88 7.94
N SER A 178 -2.25 30.64 7.92
CA SER A 178 -2.05 31.64 6.88
C SER A 178 -1.22 31.18 5.67
N MET A 179 -0.88 29.90 5.62
CA MET A 179 -0.06 29.38 4.53
C MET A 179 -0.67 29.50 3.13
N THR A 180 0.11 30.10 2.23
CA THR A 180 -0.34 30.29 0.85
C THR A 180 -0.13 29.01 0.05
N GLU A 181 -0.74 28.97 -1.13
CA GLU A 181 -0.63 27.82 -2.01
C GLU A 181 0.85 27.63 -2.35
N ALA A 182 1.52 28.74 -2.66
CA ALA A 182 2.93 28.70 -3.02
C ALA A 182 3.82 28.16 -1.90
N GLU A 183 3.59 28.61 -0.67
CA GLU A 183 4.41 28.13 0.44
C GLU A 183 4.16 26.64 0.60
N GLN A 184 2.88 26.29 0.60
CA GLN A 184 2.44 24.92 0.73
C GLN A 184 3.14 24.00 -0.27
N GLN A 185 3.21 24.44 -1.52
CA GLN A 185 3.85 23.65 -2.57
C GLN A 185 5.35 23.49 -2.36
N GLN A 186 6.00 24.59 -2.00
CA GLN A 186 7.44 24.56 -1.76
C GLN A 186 7.75 23.58 -0.64
N LEU A 187 6.98 23.68 0.44
CA LEU A 187 7.15 22.79 1.58
C LEU A 187 6.91 21.33 1.17
N ILE A 188 5.95 21.12 0.28
CA ILE A 188 5.64 19.77 -0.19
C ILE A 188 6.80 19.21 -1.01
N ASP A 189 7.37 20.05 -1.88
CA ASP A 189 8.49 19.62 -2.70
C ASP A 189 9.71 19.36 -1.81
N ASP A 190 9.79 20.06 -0.69
CA ASP A 190 10.91 19.90 0.23
C ASP A 190 10.69 18.78 1.25
N HIS A 191 9.50 18.19 1.25
CA HIS A 191 9.20 17.13 2.21
C HIS A 191 9.14 17.72 3.62
N PHE A 192 8.80 19.00 3.71
CA PHE A 192 8.72 19.68 5.02
C PHE A 192 7.29 19.91 5.50
N LEU A 193 6.31 19.58 4.67
CA LEU A 193 4.93 19.83 5.04
C LEU A 193 4.20 18.70 5.75
N PHE A 194 3.34 19.08 6.69
CA PHE A 194 2.51 18.12 7.40
C PHE A 194 1.09 18.69 7.33
N ASP A 195 0.12 17.81 7.14
CA ASP A 195 -1.27 18.22 7.06
C ASP A 195 -2.05 17.61 8.22
N LYS A 196 -3.35 17.85 8.24
CA LYS A 196 -4.19 17.29 9.29
C LYS A 196 -4.04 15.78 9.11
N PRO A 197 -3.79 15.05 10.20
CA PRO A 197 -3.64 13.60 10.10
C PRO A 197 -4.84 12.92 9.47
N VAL A 198 -4.59 11.86 8.71
CA VAL A 198 -5.67 11.10 8.08
C VAL A 198 -5.76 9.77 8.82
N SER A 199 -4.75 9.49 9.65
CA SER A 199 -4.72 8.26 10.42
C SER A 199 -5.72 8.28 11.57
N PRO A 200 -6.63 7.29 11.60
CA PRO A 200 -7.63 7.21 12.66
C PRO A 200 -6.99 7.01 14.03
N LEU A 201 -5.79 6.46 14.05
CA LEU A 201 -5.09 6.24 15.31
C LEU A 201 -4.82 7.58 15.95
N LEU A 202 -4.47 8.57 15.13
CA LEU A 202 -4.21 9.91 15.62
C LEU A 202 -5.51 10.66 15.88
N LEU A 203 -6.44 10.59 14.94
CA LEU A 203 -7.73 11.29 15.06
C LEU A 203 -8.54 10.88 16.28
N ALA A 204 -8.58 9.57 16.56
CA ALA A 204 -9.35 9.08 17.70
C ALA A 204 -8.80 9.52 19.06
N SER A 205 -7.56 10.01 19.08
CA SER A 205 -6.97 10.44 20.34
C SER A 205 -7.39 11.86 20.71
N GLY A 206 -7.89 12.59 19.72
CA GLY A 206 -8.32 13.96 19.95
C GLY A 206 -7.24 14.98 19.66
N MET A 207 -6.08 14.52 19.20
CA MET A 207 -4.97 15.43 18.92
C MET A 207 -5.18 16.39 17.75
N ALA A 208 -6.17 16.12 16.90
CA ALA A 208 -6.43 16.97 15.74
C ALA A 208 -7.43 18.11 15.96
N ARG A 209 -7.87 18.30 17.20
CA ARG A 209 -8.81 19.36 17.51
C ARG A 209 -8.34 20.75 17.05
N ASP A 210 -9.29 21.59 16.69
CA ASP A 210 -9.02 22.98 16.29
C ASP A 210 -8.03 23.17 15.16
N TRP A 211 -7.81 22.12 14.36
CA TRP A 211 -6.87 22.23 13.25
C TRP A 211 -7.27 23.38 12.33
N PRO A 212 -6.32 24.20 11.86
CA PRO A 212 -4.87 24.17 12.08
C PRO A 212 -4.37 25.18 13.12
N ASP A 213 -5.25 25.57 14.04
CA ASP A 213 -4.91 26.56 15.06
C ASP A 213 -3.61 26.26 15.81
N ALA A 214 -2.72 27.25 15.82
CA ALA A 214 -1.43 27.15 16.51
C ALA A 214 -0.46 26.08 15.99
N ARG A 215 -0.70 25.57 14.79
CA ARG A 215 0.20 24.58 14.18
C ARG A 215 1.08 25.35 13.21
N GLY A 216 2.33 24.93 13.07
CA GLY A 216 3.22 25.64 12.16
C GLY A 216 4.49 24.90 11.82
N ILE A 217 5.16 25.38 10.78
CA ILE A 217 6.40 24.78 10.29
C ILE A 217 7.53 25.81 10.28
N TRP A 218 8.68 25.44 10.82
CA TRP A 218 9.84 26.32 10.86
C TRP A 218 11.02 25.59 10.30
N HIS A 219 11.82 26.25 9.47
CA HIS A 219 13.03 25.64 8.92
C HIS A 219 14.06 26.73 8.67
N ASN A 220 15.33 26.37 8.79
CA ASN A 220 16.40 27.34 8.57
C ASN A 220 16.53 27.63 7.09
N ASP A 221 17.17 28.74 6.73
CA ASP A 221 17.30 29.09 5.33
C ASP A 221 18.04 28.07 4.48
N ASN A 222 19.00 27.37 5.08
CA ASN A 222 19.77 26.34 4.37
C ASN A 222 18.95 25.06 4.18
N LYS A 223 17.81 24.99 4.86
CA LYS A 223 16.94 23.83 4.78
C LYS A 223 17.57 22.53 5.27
N THR A 224 18.33 22.63 6.37
CA THR A 224 18.97 21.45 6.96
C THR A 224 18.42 21.20 8.37
N PHE A 225 17.66 22.17 8.88
CA PHE A 225 17.04 22.05 10.19
C PHE A 225 15.57 22.40 10.06
N LEU A 226 14.72 21.50 10.54
CA LEU A 226 13.27 21.68 10.45
C LEU A 226 12.58 21.37 11.77
N VAL A 227 11.58 22.19 12.11
CA VAL A 227 10.83 22.01 13.33
C VAL A 227 9.32 22.09 13.07
N TRP A 228 8.58 21.11 13.59
CA TRP A 228 7.14 21.10 13.45
C TRP A 228 6.58 21.44 14.82
N VAL A 229 5.68 22.42 14.87
CA VAL A 229 5.08 22.86 16.11
C VAL A 229 3.62 22.43 16.28
N ASN A 230 3.36 21.76 17.40
CA ASN A 230 2.03 21.27 17.76
C ASN A 230 1.35 20.25 16.86
N GLU A 231 2.12 19.37 16.24
CA GLU A 231 1.55 18.32 15.41
C GLU A 231 1.34 17.11 16.35
N GLU A 232 2.07 16.01 16.16
CA GLU A 232 1.91 14.85 17.04
C GLU A 232 2.40 15.13 18.47
N ASP A 233 3.36 16.02 18.60
CA ASP A 233 3.89 16.39 19.90
C ASP A 233 4.15 17.88 19.85
N HIS A 234 4.50 18.48 20.98
CA HIS A 234 4.73 19.91 21.03
C HIS A 234 5.73 20.32 19.96
N LEU A 235 6.82 19.59 19.88
CA LEU A 235 7.86 19.88 18.91
C LEU A 235 8.38 18.62 18.26
N ARG A 236 8.65 18.70 16.96
CA ARG A 236 9.24 17.61 16.22
C ARG A 236 10.45 18.30 15.59
N VAL A 237 11.63 17.74 15.85
CA VAL A 237 12.87 18.33 15.37
C VAL A 237 13.60 17.44 14.38
N ILE A 238 13.89 17.99 13.21
CA ILE A 238 14.57 17.23 12.18
C ILE A 238 15.80 17.92 11.57
N SER A 239 16.90 17.17 11.53
CA SER A 239 18.14 17.67 10.94
C SER A 239 18.40 16.77 9.73
N MET A 240 18.71 17.38 8.58
CA MET A 240 18.96 16.57 7.40
C MET A 240 19.85 17.27 6.39
N GLN A 241 20.19 16.52 5.34
CA GLN A 241 21.01 17.03 4.25
C GLN A 241 21.43 15.91 3.32
N LYS A 242 21.79 16.30 2.09
CA LYS A 242 22.23 15.33 1.09
C LYS A 242 23.56 14.71 1.47
N GLY A 243 23.85 13.55 0.88
CA GLY A 243 25.11 12.88 1.17
C GLY A 243 25.02 12.00 2.41
N GLY A 244 26.15 11.44 2.81
CA GLY A 244 26.18 10.57 3.98
C GLY A 244 26.99 11.09 5.15
N ASN A 245 26.94 12.39 5.42
CA ASN A 245 27.68 12.95 6.54
C ASN A 245 26.77 12.94 7.76
N MET A 246 26.53 11.75 8.29
CA MET A 246 25.67 11.59 9.46
C MET A 246 26.18 12.37 10.66
N LYS A 247 27.51 12.42 10.83
CA LYS A 247 28.08 13.14 11.96
C LYS A 247 27.69 14.62 11.89
N GLU A 248 27.76 15.21 10.71
CA GLU A 248 27.39 16.61 10.56
C GLU A 248 25.91 16.80 10.88
N VAL A 249 25.07 15.90 10.35
CA VAL A 249 23.64 15.98 10.60
C VAL A 249 23.32 15.85 12.08
N PHE A 250 24.02 14.94 12.76
CA PHE A 250 23.81 14.72 14.17
C PHE A 250 24.35 15.89 15.00
N THR A 251 25.41 16.52 14.52
CA THR A 251 25.98 17.65 15.23
C THR A 251 25.01 18.83 15.19
N ARG A 252 24.42 19.09 14.03
CA ARG A 252 23.47 20.20 13.91
C ARG A 252 22.24 19.88 14.76
N PHE A 253 21.88 18.61 14.78
CA PHE A 253 20.74 18.11 15.55
C PHE A 253 20.98 18.43 17.03
N CYS A 254 22.13 18.02 17.54
CA CYS A 254 22.45 18.27 18.93
C CYS A 254 22.56 19.76 19.26
N THR A 255 23.23 20.52 18.38
CA THR A 255 23.38 21.95 18.61
C THR A 255 22.03 22.66 18.60
N GLY A 256 21.20 22.34 17.62
CA GLY A 256 19.88 22.95 17.54
C GLY A 256 19.04 22.68 18.76
N LEU A 257 19.01 21.43 19.21
CA LEU A 257 18.23 21.06 20.39
C LEU A 257 18.73 21.78 21.63
N THR A 258 20.05 21.83 21.79
CA THR A 258 20.65 22.49 22.93
C THR A 258 20.30 23.97 22.98
N GLN A 259 20.46 24.66 21.86
CA GLN A 259 20.16 26.08 21.81
C GLN A 259 18.71 26.36 22.13
N ILE A 260 17.80 25.57 21.56
CA ILE A 260 16.38 25.75 21.80
C ILE A 260 16.08 25.55 23.28
N GLU A 261 16.65 24.50 23.86
CA GLU A 261 16.43 24.20 25.27
C GLU A 261 16.92 25.36 26.13
N THR A 262 18.10 25.87 25.81
CA THR A 262 18.67 26.98 26.55
C THR A 262 17.72 28.17 26.48
N LEU A 263 17.15 28.41 25.30
CA LEU A 263 16.22 29.52 25.13
C LEU A 263 15.02 29.31 26.05
N PHE A 264 14.51 28.08 26.11
CA PHE A 264 13.35 27.78 26.95
C PHE A 264 13.68 27.96 28.43
N LYS A 265 14.85 27.49 28.84
CA LYS A 265 15.26 27.60 30.24
C LYS A 265 15.33 29.04 30.72
N SER A 266 15.75 29.94 29.83
CA SER A 266 15.85 31.34 30.20
C SER A 266 14.48 31.89 30.59
N LYS A 267 13.43 31.27 30.06
CA LYS A 267 12.08 31.71 30.38
C LYS A 267 11.43 30.75 31.37
N ASP A 268 12.29 29.97 32.03
CA ASP A 268 11.88 29.00 33.03
C ASP A 268 11.09 27.81 32.54
N TYR A 269 11.32 27.40 31.30
CA TYR A 269 10.64 26.25 30.73
C TYR A 269 11.67 25.17 30.46
N GLU A 270 11.21 23.92 30.43
CA GLU A 270 12.11 22.80 30.18
C GLU A 270 11.37 21.67 29.48
N PHE A 271 12.13 20.75 28.91
CA PHE A 271 11.54 19.59 28.23
C PHE A 271 11.11 18.58 29.29
N MET A 272 10.06 17.81 28.98
CA MET A 272 9.61 16.76 29.90
C MET A 272 10.63 15.65 29.77
N TRP A 273 11.20 15.24 30.89
CA TRP A 273 12.22 14.21 30.89
C TRP A 273 12.37 13.60 32.28
N ASN A 274 12.73 12.32 32.34
CA ASN A 274 12.99 11.67 33.61
C ASN A 274 13.92 10.48 33.36
N PRO A 275 14.67 10.04 34.39
CA PRO A 275 15.62 8.93 34.33
C PRO A 275 15.12 7.59 33.79
N HIS A 276 13.82 7.36 33.85
CA HIS A 276 13.26 6.09 33.40
C HIS A 276 12.72 6.09 31.97
N LEU A 277 11.99 7.12 31.59
CA LEU A 277 11.41 7.17 30.24
C LEU A 277 12.09 8.10 29.25
N GLY A 278 13.18 8.74 29.68
CA GLY A 278 13.87 9.66 28.78
C GLY A 278 12.94 10.81 28.50
N TYR A 279 12.92 11.29 27.25
CA TYR A 279 12.03 12.40 26.91
C TYR A 279 10.60 11.90 26.78
N ILE A 280 9.68 12.59 27.44
CA ILE A 280 8.27 12.22 27.43
C ILE A 280 7.55 12.74 26.19
N LEU A 281 6.82 11.84 25.53
CA LEU A 281 6.06 12.17 24.33
C LEU A 281 4.68 11.50 24.37
N THR A 282 3.80 11.91 23.46
CA THR A 282 2.44 11.38 23.40
C THR A 282 2.30 9.87 23.32
N CYS A 283 2.93 9.26 22.33
CA CYS A 283 2.85 7.83 22.15
C CYS A 283 4.00 7.07 22.80
N PRO A 284 3.68 6.04 23.58
CA PRO A 284 4.68 5.22 24.28
C PRO A 284 5.80 4.73 23.36
N SER A 285 5.49 4.46 22.10
CA SER A 285 6.51 3.97 21.18
C SER A 285 7.61 4.98 20.87
N ASN A 286 7.40 6.24 21.24
CA ASN A 286 8.38 7.30 20.96
C ASN A 286 9.19 7.75 22.17
N LEU A 287 9.07 7.03 23.29
CA LEU A 287 9.79 7.43 24.50
C LEU A 287 11.30 7.22 24.44
N GLY A 288 12.01 7.75 25.43
CA GLY A 288 13.46 7.61 25.47
C GLY A 288 14.16 8.68 24.69
N THR A 289 14.52 8.37 23.45
CA THR A 289 15.18 9.33 22.58
C THR A 289 14.18 9.87 21.58
N GLY A 290 13.14 9.08 21.31
CA GLY A 290 12.14 9.46 20.32
C GLY A 290 12.90 9.75 19.04
N LEU A 291 14.09 9.16 18.93
CA LEU A 291 14.97 9.40 17.81
C LEU A 291 14.97 8.40 16.67
N ARG A 292 14.86 8.94 15.47
CA ARG A 292 14.91 8.14 14.26
C ARG A 292 15.99 8.74 13.38
N ALA A 293 17.10 8.01 13.25
CA ALA A 293 18.22 8.43 12.43
C ALA A 293 18.20 7.52 11.21
N GLY A 294 18.27 8.09 10.03
CA GLY A 294 18.24 7.26 8.84
C GLY A 294 18.90 7.85 7.62
N VAL A 295 18.93 7.04 6.56
CA VAL A 295 19.52 7.43 5.29
C VAL A 295 18.67 6.93 4.12
N HIS A 296 18.69 7.66 3.02
CA HIS A 296 18.00 7.20 1.82
C HIS A 296 19.20 6.61 1.10
N ILE A 297 19.20 5.29 0.94
CA ILE A 297 20.33 4.60 0.35
C ILE A 297 20.01 3.72 -0.84
N LYS A 298 20.90 3.75 -1.84
CA LYS A 298 20.75 2.94 -3.03
C LYS A 298 21.31 1.55 -2.72
N LEU A 299 20.45 0.55 -2.85
CA LEU A 299 20.83 -0.84 -2.61
C LEU A 299 20.07 -1.69 -3.61
N PRO A 300 20.25 -1.43 -4.91
CA PRO A 300 19.54 -2.21 -5.92
C PRO A 300 19.80 -3.71 -5.85
N ASN A 301 21.02 -4.11 -5.50
CA ASN A 301 21.34 -5.53 -5.39
C ASN A 301 20.85 -6.14 -4.09
N LEU A 302 21.23 -5.55 -2.98
CA LEU A 302 20.85 -6.06 -1.67
C LEU A 302 19.33 -6.00 -1.49
N GLY A 303 18.73 -4.95 -2.04
CA GLY A 303 17.29 -4.78 -1.91
C GLY A 303 16.51 -5.95 -2.48
N LYS A 304 17.09 -6.59 -3.49
CA LYS A 304 16.45 -7.73 -4.14
C LYS A 304 16.95 -9.05 -3.59
N HIS A 305 17.81 -8.98 -2.57
CA HIS A 305 18.36 -10.19 -1.97
C HIS A 305 17.39 -10.80 -0.96
N GLU A 306 17.40 -12.13 -0.91
CA GLU A 306 16.55 -12.91 -0.03
C GLU A 306 16.66 -12.54 1.45
N LYS A 307 17.89 -12.30 1.91
CA LYS A 307 18.11 -11.98 3.31
C LYS A 307 18.17 -10.50 3.67
N PHE A 308 17.65 -9.64 2.82
CA PHE A 308 17.70 -8.21 3.10
C PHE A 308 16.98 -7.82 4.39
N SER A 309 15.72 -8.19 4.52
CA SER A 309 14.95 -7.88 5.72
C SER A 309 15.61 -8.44 6.97
N GLU A 310 16.11 -9.67 6.88
CA GLU A 310 16.76 -10.30 8.03
C GLU A 310 18.04 -9.60 8.46
N VAL A 311 18.83 -9.14 7.49
CA VAL A 311 20.07 -8.44 7.81
C VAL A 311 19.76 -7.16 8.58
N LEU A 312 18.75 -6.44 8.12
CA LEU A 312 18.34 -5.21 8.79
C LEU A 312 17.95 -5.51 10.22
N LYS A 313 17.16 -6.56 10.38
CA LYS A 313 16.70 -6.97 11.70
C LYS A 313 17.87 -7.22 12.64
N ARG A 314 18.89 -7.92 12.14
CA ARG A 314 20.06 -8.25 12.95
C ARG A 314 20.85 -7.00 13.31
N LEU A 315 20.84 -6.01 12.42
CA LEU A 315 21.55 -4.77 12.65
C LEU A 315 20.67 -3.82 13.47
N ARG A 316 19.48 -4.29 13.83
CA ARG A 316 18.51 -3.50 14.60
C ARG A 316 18.10 -2.26 13.83
N LEU A 317 17.92 -2.44 12.52
CA LEU A 317 17.51 -1.36 11.62
C LEU A 317 16.16 -1.69 11.01
N GLN A 318 15.51 -0.67 10.45
CA GLN A 318 14.21 -0.84 9.80
C GLN A 318 14.32 -0.26 8.39
N LYS A 319 13.44 -0.73 7.50
CA LYS A 319 13.45 -0.23 6.13
C LYS A 319 12.05 0.11 5.65
N ARG A 320 12.00 0.98 4.65
CA ARG A 320 10.75 1.39 4.03
C ARG A 320 11.16 1.67 2.59
N GLY A 321 10.30 1.29 1.65
CA GLY A 321 10.62 1.56 0.27
C GLY A 321 10.36 3.03 0.02
N THR A 322 10.79 3.54 -1.12
CA THR A 322 10.54 4.94 -1.46
C THR A 322 9.78 4.96 -2.78
N GLY A 323 9.10 6.07 -3.05
CA GLY A 323 8.32 6.16 -4.27
C GLY A 323 8.68 7.32 -5.17
N GLY A 324 9.96 7.68 -5.21
CA GLY A 324 10.37 8.80 -6.03
C GLY A 324 11.12 8.36 -7.28
N VAL A 325 11.62 9.35 -8.03
CA VAL A 325 12.36 9.08 -9.24
C VAL A 325 13.69 8.42 -8.88
N ASP A 326 14.16 8.66 -7.66
CA ASP A 326 15.41 8.08 -7.20
C ASP A 326 15.38 6.55 -7.30
N THR A 327 14.43 5.91 -6.62
CA THR A 327 14.35 4.46 -6.68
C THR A 327 13.94 3.97 -8.08
N ALA A 328 13.26 4.82 -8.82
CA ALA A 328 12.82 4.44 -10.17
C ALA A 328 14.04 4.29 -11.09
N ALA A 329 14.96 5.25 -10.99
CA ALA A 329 16.17 5.25 -11.82
C ALA A 329 17.17 4.19 -11.35
N VAL A 330 17.34 4.09 -10.03
CA VAL A 330 18.28 3.14 -9.45
C VAL A 330 17.71 1.73 -9.33
N GLY A 331 16.41 1.63 -9.15
CA GLY A 331 15.78 0.32 -9.03
C GLY A 331 15.97 -0.26 -7.64
N GLY A 332 15.90 0.59 -6.62
CA GLY A 332 16.07 0.09 -5.27
C GLY A 332 16.70 1.07 -4.30
N VAL A 333 15.94 2.11 -3.93
CA VAL A 333 16.42 3.08 -2.96
C VAL A 333 15.55 2.86 -1.74
N PHE A 334 16.17 2.73 -0.58
CA PHE A 334 15.40 2.48 0.63
C PHE A 334 15.67 3.47 1.75
N ASP A 335 14.67 3.62 2.61
CA ASP A 335 14.78 4.51 3.75
C ASP A 335 15.07 3.61 4.94
N VAL A 336 16.34 3.59 5.36
CA VAL A 336 16.79 2.74 6.46
C VAL A 336 17.08 3.58 7.71
N SER A 337 16.63 3.09 8.87
CA SER A 337 16.83 3.79 10.14
C SER A 337 16.88 2.84 11.33
N ASN A 338 17.32 3.35 12.47
CA ASN A 338 17.39 2.55 13.69
C ASN A 338 15.98 2.19 14.13
N ALA A 339 15.83 0.97 14.65
CA ALA A 339 14.53 0.49 15.11
C ALA A 339 14.26 0.84 16.57
N ASP A 340 15.31 0.86 17.37
CA ASP A 340 15.17 1.16 18.79
C ASP A 340 14.92 2.64 19.11
N ARG A 341 14.35 2.90 20.27
CA ARG A 341 14.03 4.25 20.72
C ARG A 341 14.38 4.47 22.21
N LEU A 342 14.04 3.48 23.03
CA LEU A 342 14.24 3.55 24.48
C LEU A 342 15.27 2.53 25.01
N GLY A 343 16.09 2.97 25.95
CA GLY A 343 17.09 2.05 26.50
C GLY A 343 18.42 2.14 25.78
N PHE A 344 18.49 3.01 24.77
CA PHE A 344 19.72 3.24 24.00
C PHE A 344 19.83 4.76 23.92
N SER A 345 21.04 5.30 24.06
CA SER A 345 21.23 6.75 23.98
C SER A 345 21.17 7.18 22.51
N GLU A 346 21.00 8.48 22.27
CA GLU A 346 20.95 8.97 20.90
C GLU A 346 22.23 8.60 20.16
N VAL A 347 23.37 8.77 20.83
CA VAL A 347 24.66 8.44 20.24
C VAL A 347 24.73 6.97 19.82
N GLU A 348 24.35 6.06 20.71
CA GLU A 348 24.38 4.64 20.40
C GLU A 348 23.45 4.29 19.24
N LEU A 349 22.34 5.01 19.17
CA LEU A 349 21.36 4.80 18.12
C LEU A 349 21.93 5.23 16.77
N VAL A 350 22.48 6.44 16.72
CA VAL A 350 23.08 6.95 15.49
C VAL A 350 24.25 6.06 15.13
N GLN A 351 24.97 5.58 16.14
CA GLN A 351 26.12 4.71 15.91
C GLN A 351 25.70 3.42 15.22
N MET A 352 24.58 2.86 15.63
CA MET A 352 24.14 1.62 15.00
C MET A 352 23.77 1.79 13.54
N VAL A 353 23.27 2.98 13.19
CA VAL A 353 22.90 3.25 11.81
C VAL A 353 24.20 3.41 11.01
N VAL A 354 25.14 4.16 11.56
CA VAL A 354 26.43 4.37 10.90
C VAL A 354 27.08 3.01 10.65
N ASP A 355 27.20 2.20 11.70
CA ASP A 355 27.81 0.88 11.60
C ASP A 355 27.03 -0.03 10.67
N GLY A 356 25.72 -0.01 10.80
CA GLY A 356 24.87 -0.85 9.98
C GLY A 356 24.98 -0.51 8.50
N VAL A 357 24.87 0.77 8.18
CA VAL A 357 24.95 1.21 6.80
C VAL A 357 26.28 0.81 6.17
N LYS A 358 27.38 1.04 6.88
CA LYS A 358 28.69 0.67 6.36
C LYS A 358 28.71 -0.78 5.89
N LEU A 359 28.08 -1.67 6.65
CA LEU A 359 28.06 -3.08 6.30
C LEU A 359 27.14 -3.31 5.09
N LEU A 360 26.03 -2.58 5.05
CA LEU A 360 25.08 -2.69 3.95
C LEU A 360 25.81 -2.35 2.65
N ILE A 361 26.64 -1.32 2.71
CA ILE A 361 27.38 -0.87 1.55
C ILE A 361 28.38 -1.94 1.10
N GLU A 362 29.09 -2.54 2.06
CA GLU A 362 30.04 -3.58 1.73
C GLU A 362 29.33 -4.74 1.03
N MET A 363 28.11 -5.06 1.48
CA MET A 363 27.35 -6.16 0.88
C MET A 363 26.88 -5.80 -0.53
N GLU A 364 26.46 -4.55 -0.72
CA GLU A 364 26.00 -4.10 -2.03
C GLU A 364 27.15 -4.21 -3.03
N GLN A 365 28.34 -3.76 -2.63
CA GLN A 365 29.50 -3.82 -3.50
C GLN A 365 29.83 -5.26 -3.86
N ARG A 366 29.77 -6.16 -2.88
CA ARG A 366 30.03 -7.57 -3.13
C ARG A 366 29.09 -8.06 -4.21
N LEU A 367 27.80 -7.78 -4.03
CA LEU A 367 26.78 -8.19 -4.97
C LEU A 367 27.03 -7.63 -6.36
N GLU A 368 27.52 -6.40 -6.43
CA GLU A 368 27.81 -5.77 -7.71
C GLU A 368 28.80 -6.65 -8.46
N GLN A 369 29.82 -7.12 -7.74
CA GLN A 369 30.85 -7.98 -8.29
C GLN A 369 30.35 -9.42 -8.49
N GLY A 370 29.08 -9.64 -8.17
CA GLY A 370 28.51 -10.96 -8.31
C GLY A 370 29.06 -11.96 -7.32
N GLN A 371 29.60 -11.46 -6.20
CA GLN A 371 30.16 -12.32 -5.17
C GLN A 371 29.11 -12.62 -4.10
N ALA A 372 29.46 -13.51 -3.17
CA ALA A 372 28.55 -13.90 -2.10
C ALA A 372 28.73 -12.99 -0.90
N ILE A 373 27.68 -12.85 -0.08
CA ILE A 373 27.76 -11.99 1.09
C ILE A 373 27.58 -12.73 2.41
N ASP A 374 27.49 -14.06 2.34
CA ASP A 374 27.30 -14.86 3.54
C ASP A 374 28.35 -14.59 4.61
N ASP A 375 29.61 -14.53 4.21
CA ASP A 375 30.70 -14.29 5.15
C ASP A 375 30.60 -12.90 5.77
N LEU A 376 29.80 -12.02 5.17
CA LEU A 376 29.63 -10.67 5.68
C LEU A 376 28.41 -10.55 6.59
N MET A 377 27.53 -11.55 6.53
CA MET A 377 26.32 -11.56 7.34
C MET A 377 26.65 -11.31 8.81
N PRO A 378 25.93 -10.39 9.46
CA PRO A 378 26.17 -10.08 10.86
C PRO A 378 25.31 -10.97 11.74
N ALA A 379 25.62 -11.02 13.04
CA ALA A 379 24.83 -11.82 13.97
C ALA A 379 23.89 -10.82 14.63
N GLN A 380 22.71 -11.29 15.05
CA GLN A 380 21.75 -10.40 15.70
C GLN A 380 22.38 -9.56 16.80
N LYS A 381 22.24 -8.25 16.71
CA LYS A 381 22.80 -7.34 17.70
C LYS A 381 21.79 -7.07 18.80
N SER B 6 -9.56 24.76 -17.97
CA SER B 6 -10.00 23.34 -18.04
C SER B 6 -10.34 22.92 -19.46
N HIS B 7 -9.92 21.72 -19.82
CA HIS B 7 -10.17 21.19 -21.17
C HIS B 7 -11.63 20.85 -21.35
N ASN B 8 -12.22 20.20 -20.36
CA ASN B 8 -13.62 19.81 -20.44
C ASN B 8 -14.53 21.03 -20.53
N ALA B 9 -14.14 22.10 -19.84
CA ALA B 9 -14.93 23.33 -19.87
C ALA B 9 -14.97 23.85 -21.32
N LEU B 10 -13.81 23.79 -21.98
CA LEU B 10 -13.71 24.23 -23.36
C LEU B 10 -14.65 23.41 -24.24
N LYS B 11 -14.57 22.09 -24.09
CA LYS B 11 -15.41 21.18 -24.85
C LYS B 11 -16.90 21.40 -24.58
N LEU B 12 -17.23 21.82 -23.36
CA LEU B 12 -18.62 22.06 -23.01
C LEU B 12 -19.13 23.30 -23.76
N ARG B 13 -18.22 24.05 -24.38
CA ARG B 13 -18.60 25.24 -25.14
C ARG B 13 -19.22 24.83 -26.47
N PHE B 14 -18.89 23.62 -26.93
CA PHE B 14 -19.42 23.08 -28.18
C PHE B 14 -20.68 22.30 -27.84
N PRO B 15 -21.69 22.35 -28.72
CA PRO B 15 -22.91 21.59 -28.41
C PRO B 15 -22.53 20.12 -28.26
N ALA B 16 -23.31 19.38 -27.49
CA ALA B 16 -23.03 17.97 -27.25
C ALA B 16 -22.94 17.16 -28.55
N GLU B 17 -23.75 17.52 -29.55
CA GLU B 17 -23.75 16.82 -30.82
C GLU B 17 -22.44 16.98 -31.58
N ASP B 18 -21.76 18.09 -31.37
CA ASP B 18 -20.50 18.32 -32.07
C ASP B 18 -19.35 17.55 -31.44
N GLU B 19 -19.50 17.17 -30.18
CA GLU B 19 -18.45 16.42 -29.48
C GLU B 19 -18.77 14.93 -29.49
N PHE B 20 -20.02 14.59 -29.75
CA PHE B 20 -20.46 13.19 -29.76
C PHE B 20 -19.62 12.35 -30.74
N PRO B 21 -19.00 11.27 -30.26
CA PRO B 21 -18.19 10.42 -31.13
C PRO B 21 -18.99 9.67 -32.18
N ASP B 22 -18.35 9.41 -33.33
CA ASP B 22 -18.98 8.68 -34.42
C ASP B 22 -18.66 7.20 -34.21
N LEU B 23 -19.64 6.42 -33.78
CA LEU B 23 -19.42 5.00 -33.53
C LEU B 23 -20.17 4.13 -34.54
N SER B 24 -20.42 4.66 -35.72
CA SER B 24 -21.16 3.93 -36.76
C SER B 24 -20.52 2.62 -37.23
N ALA B 25 -19.19 2.53 -37.19
CA ALA B 25 -18.53 1.32 -37.64
C ALA B 25 -17.91 0.55 -36.48
N HIS B 26 -18.41 0.82 -35.28
CA HIS B 26 -17.90 0.20 -34.07
C HIS B 26 -18.69 -0.98 -33.53
N ASN B 27 -17.97 -1.96 -33.01
CA ASN B 27 -18.60 -3.12 -32.42
C ASN B 27 -17.99 -3.46 -31.06
N ASN B 28 -18.38 -2.71 -30.04
CA ASN B 28 -17.92 -2.96 -28.67
C ASN B 28 -19.10 -2.60 -27.77
N HIS B 29 -19.06 -3.07 -26.52
CA HIS B 29 -20.15 -2.83 -25.60
C HIS B 29 -20.50 -1.36 -25.38
N MET B 30 -19.48 -0.53 -25.28
CA MET B 30 -19.69 0.90 -25.07
C MET B 30 -20.52 1.46 -26.23
N ALA B 31 -20.17 1.09 -27.46
CA ALA B 31 -20.88 1.56 -28.65
C ALA B 31 -22.36 1.18 -28.66
N LYS B 32 -22.68 0.04 -28.07
CA LYS B 32 -24.06 -0.45 -28.00
C LYS B 32 -24.90 0.34 -27.02
N VAL B 33 -24.25 1.06 -26.11
CA VAL B 33 -24.95 1.81 -25.07
C VAL B 33 -24.90 3.34 -25.16
N LEU B 34 -23.78 3.89 -25.61
CA LEU B 34 -23.64 5.33 -25.68
C LEU B 34 -24.52 6.04 -26.72
N THR B 35 -25.54 6.73 -26.25
CA THR B 35 -26.44 7.47 -27.13
C THR B 35 -26.13 8.95 -27.04
N PRO B 36 -26.59 9.74 -28.02
CA PRO B 36 -26.32 11.18 -27.97
C PRO B 36 -26.89 11.78 -26.68
N GLU B 37 -28.05 11.29 -26.27
CA GLU B 37 -28.72 11.77 -25.07
C GLU B 37 -27.94 11.46 -23.80
N LEU B 38 -27.49 10.21 -23.67
CA LEU B 38 -26.72 9.81 -22.50
C LEU B 38 -25.40 10.57 -22.44
N TYR B 39 -24.84 10.90 -23.61
CA TYR B 39 -23.58 11.62 -23.68
C TYR B 39 -23.76 13.06 -23.22
N ALA B 40 -24.85 13.70 -23.66
CA ALA B 40 -25.12 15.08 -23.29
C ALA B 40 -25.37 15.20 -21.80
N GLU B 41 -25.98 14.17 -21.23
CA GLU B 41 -26.29 14.15 -19.80
C GLU B 41 -25.08 13.94 -18.90
N LEU B 42 -24.13 13.12 -19.35
CA LEU B 42 -22.95 12.80 -18.55
C LEU B 42 -21.63 13.48 -18.91
N ARG B 43 -21.57 14.18 -20.04
CA ARG B 43 -20.32 14.80 -20.45
C ARG B 43 -19.77 15.94 -19.61
N ALA B 44 -20.59 16.54 -18.74
CA ALA B 44 -20.12 17.64 -17.90
C ALA B 44 -19.63 17.11 -16.55
N LYS B 45 -19.97 15.86 -16.25
CA LYS B 45 -19.57 15.25 -14.99
C LYS B 45 -18.10 14.90 -14.94
N SER B 46 -17.61 14.67 -13.73
CA SER B 46 -16.23 14.30 -13.51
C SER B 46 -16.07 13.74 -12.11
N THR B 47 -15.10 12.85 -11.92
CA THR B 47 -14.87 12.27 -10.61
C THR B 47 -13.95 13.20 -9.83
N PRO B 48 -13.71 12.92 -8.54
CA PRO B 48 -12.84 13.78 -7.73
C PRO B 48 -11.45 13.90 -8.35
N SER B 49 -11.06 12.86 -9.08
CA SER B 49 -9.76 12.78 -9.73
C SER B 49 -9.70 13.57 -11.05
N GLY B 50 -10.86 13.89 -11.59
CA GLY B 50 -10.89 14.62 -12.84
C GLY B 50 -11.23 13.75 -14.04
N PHE B 51 -11.48 12.46 -13.82
CA PHE B 51 -11.80 11.55 -14.91
C PHE B 51 -13.17 11.91 -15.48
N THR B 52 -13.27 12.04 -16.80
CA THR B 52 -14.51 12.41 -17.44
C THR B 52 -15.07 11.30 -18.32
N LEU B 53 -16.26 11.50 -18.88
CA LEU B 53 -16.86 10.51 -19.74
C LEU B 53 -15.99 10.28 -20.96
N ASP B 54 -15.48 11.37 -21.53
CA ASP B 54 -14.61 11.26 -22.69
C ASP B 54 -13.43 10.35 -22.38
N ASP B 55 -12.88 10.46 -21.17
CA ASP B 55 -11.75 9.61 -20.78
C ASP B 55 -12.21 8.15 -20.70
N VAL B 56 -13.39 7.95 -20.14
CA VAL B 56 -13.94 6.61 -20.00
C VAL B 56 -14.12 5.88 -21.32
N ILE B 57 -14.65 6.57 -22.31
CA ILE B 57 -14.92 5.95 -23.61
C ILE B 57 -13.88 6.04 -24.72
N GLN B 58 -12.81 6.79 -24.52
CA GLN B 58 -11.80 6.95 -25.57
C GLN B 58 -11.34 5.66 -26.24
N THR B 59 -10.96 4.65 -25.46
CA THR B 59 -10.49 3.43 -26.05
C THR B 59 -11.55 2.78 -26.95
N GLY B 60 -12.82 2.94 -26.58
CA GLY B 60 -13.91 2.38 -27.36
C GLY B 60 -14.18 3.18 -28.62
N VAL B 61 -13.80 4.45 -28.62
CA VAL B 61 -13.98 5.28 -29.79
C VAL B 61 -12.83 4.92 -30.75
N ASP B 62 -11.62 4.83 -30.19
CA ASP B 62 -10.42 4.52 -30.96
C ASP B 62 -10.37 3.10 -31.50
N ASN B 63 -11.01 2.15 -30.82
CA ASN B 63 -10.99 0.77 -31.26
C ASN B 63 -12.39 0.21 -31.57
N PRO B 64 -12.75 0.20 -32.86
CA PRO B 64 -14.05 -0.29 -33.35
C PRO B 64 -14.26 -1.77 -33.05
N GLY B 65 -13.17 -2.53 -33.05
CA GLY B 65 -13.27 -3.95 -32.78
C GLY B 65 -11.98 -4.55 -32.30
N HIS B 66 -11.93 -5.87 -32.33
CA HIS B 66 -10.77 -6.62 -31.91
C HIS B 66 -10.78 -7.91 -32.74
N PRO B 67 -9.61 -8.39 -33.15
CA PRO B 67 -9.54 -9.62 -33.97
C PRO B 67 -9.96 -10.94 -33.31
N TYR B 68 -9.98 -11.01 -31.99
CA TYR B 68 -10.32 -12.29 -31.36
C TYR B 68 -11.47 -12.30 -30.35
N ILE B 69 -11.77 -11.15 -29.74
CA ILE B 69 -12.86 -11.10 -28.76
C ILE B 69 -13.72 -9.84 -28.84
N MET B 70 -14.87 -9.89 -28.17
CA MET B 70 -15.78 -8.76 -28.11
C MET B 70 -15.21 -7.90 -26.98
N THR B 71 -14.95 -6.63 -27.26
CA THR B 71 -14.39 -5.74 -26.25
C THR B 71 -15.41 -4.82 -25.59
N VAL B 72 -15.07 -4.35 -24.40
CA VAL B 72 -15.93 -3.48 -23.63
C VAL B 72 -15.99 -2.06 -24.20
N GLY B 73 -14.84 -1.52 -24.62
CA GLY B 73 -14.82 -0.20 -25.20
C GLY B 73 -14.83 0.99 -24.25
N CYS B 74 -14.45 0.76 -23.00
CA CYS B 74 -14.39 1.82 -22.01
C CYS B 74 -13.62 1.33 -20.80
N VAL B 75 -13.14 2.26 -19.99
CA VAL B 75 -12.39 1.92 -18.78
C VAL B 75 -12.76 2.87 -17.65
N ALA B 76 -12.48 2.45 -16.43
CA ALA B 76 -12.75 3.30 -15.27
C ALA B 76 -11.40 3.92 -14.92
N GLY B 77 -11.40 5.16 -14.46
CA GLY B 77 -10.14 5.82 -14.13
C GLY B 77 -9.84 5.85 -12.64
N ASP B 78 -10.83 5.50 -11.85
CA ASP B 78 -10.73 5.48 -10.40
C ASP B 78 -11.96 4.75 -9.87
N GLU B 79 -12.01 4.47 -8.58
CA GLU B 79 -13.16 3.77 -8.02
C GLU B 79 -14.47 4.52 -8.28
N GLU B 80 -14.46 5.83 -8.14
CA GLU B 80 -15.66 6.65 -8.33
C GLU B 80 -16.27 6.63 -9.74
N SER B 81 -15.48 6.25 -10.74
CA SER B 81 -15.96 6.21 -12.12
C SER B 81 -17.20 5.33 -12.31
N TYR B 82 -17.23 4.18 -11.65
CA TYR B 82 -18.37 3.28 -11.78
C TYR B 82 -19.66 3.86 -11.21
N GLU B 83 -19.54 4.82 -10.30
CA GLU B 83 -20.72 5.43 -9.71
C GLU B 83 -21.15 6.67 -10.49
N VAL B 84 -20.20 7.60 -10.70
CA VAL B 84 -20.50 8.82 -11.43
C VAL B 84 -21.04 8.52 -12.83
N PHE B 85 -20.51 7.48 -13.47
CA PHE B 85 -20.94 7.12 -14.81
C PHE B 85 -21.71 5.79 -14.85
N LYS B 86 -22.43 5.51 -13.76
CA LYS B 86 -23.20 4.27 -13.68
C LYS B 86 -24.21 4.11 -14.82
N ASP B 87 -24.75 5.23 -15.32
CA ASP B 87 -25.73 5.14 -16.41
C ASP B 87 -25.10 4.61 -17.69
N LEU B 88 -23.78 4.61 -17.76
CA LEU B 88 -23.09 4.06 -18.93
C LEU B 88 -22.66 2.65 -18.60
N PHE B 89 -21.95 2.49 -17.48
CA PHE B 89 -21.44 1.20 -17.06
C PHE B 89 -22.48 0.12 -16.76
N ASP B 90 -23.55 0.49 -16.06
CA ASP B 90 -24.58 -0.50 -15.72
C ASP B 90 -25.10 -1.30 -16.91
N PRO B 91 -25.47 -0.62 -18.00
CA PRO B 91 -25.98 -1.34 -19.18
C PRO B 91 -24.89 -2.24 -19.79
N ILE B 92 -23.67 -1.73 -19.81
CA ILE B 92 -22.54 -2.47 -20.37
C ILE B 92 -22.27 -3.70 -19.52
N ILE B 93 -22.20 -3.51 -18.21
CA ILE B 93 -21.94 -4.59 -17.27
C ILE B 93 -22.98 -5.70 -17.45
N GLU B 94 -24.23 -5.31 -17.59
CA GLU B 94 -25.31 -6.27 -17.77
C GLU B 94 -25.15 -7.06 -19.06
N ASP B 95 -24.78 -6.37 -20.13
CA ASP B 95 -24.61 -7.04 -21.42
C ASP B 95 -23.38 -7.95 -21.42
N ARG B 96 -22.26 -7.44 -20.90
CA ARG B 96 -21.02 -8.20 -20.86
C ARG B 96 -21.05 -9.42 -19.92
N HIS B 97 -21.78 -9.30 -18.81
CA HIS B 97 -21.88 -10.39 -17.85
C HIS B 97 -23.27 -11.00 -17.83
N GLY B 98 -23.63 -11.65 -18.92
CA GLY B 98 -24.92 -12.32 -19.05
C GLY B 98 -26.08 -11.92 -18.16
N GLY B 99 -26.58 -10.70 -18.32
CA GLY B 99 -27.73 -10.26 -17.55
C GLY B 99 -27.55 -9.72 -16.13
N TYR B 100 -26.32 -9.55 -15.66
CA TYR B 100 -26.13 -9.02 -14.30
C TYR B 100 -26.77 -7.64 -14.17
N LYS B 101 -27.84 -7.56 -13.40
CA LYS B 101 -28.57 -6.31 -13.21
C LYS B 101 -28.03 -5.40 -12.11
N PRO B 102 -28.38 -4.11 -12.18
CA PRO B 102 -27.96 -3.08 -11.21
C PRO B 102 -28.33 -3.46 -9.78
N SER B 103 -29.41 -4.22 -9.63
CA SER B 103 -29.89 -4.64 -8.32
C SER B 103 -29.28 -5.95 -7.83
N ASP B 104 -28.51 -6.61 -8.69
CA ASP B 104 -27.89 -7.89 -8.32
C ASP B 104 -26.74 -7.73 -7.33
N GLU B 105 -26.31 -8.87 -6.77
CA GLU B 105 -25.24 -8.89 -5.79
C GLU B 105 -24.13 -9.86 -6.17
N HIS B 106 -22.89 -9.50 -5.84
CA HIS B 106 -21.77 -10.38 -6.14
C HIS B 106 -21.45 -11.26 -4.95
N LYS B 107 -21.10 -12.52 -5.22
CA LYS B 107 -20.77 -13.45 -4.15
C LYS B 107 -19.35 -13.98 -4.31
N THR B 108 -18.60 -13.97 -3.21
CA THR B 108 -17.22 -14.45 -3.20
C THR B 108 -17.15 -15.81 -2.53
N ASP B 109 -16.20 -16.65 -2.97
CA ASP B 109 -16.01 -17.99 -2.41
C ASP B 109 -14.59 -18.43 -2.71
N LEU B 110 -13.66 -18.12 -1.81
CA LEU B 110 -12.27 -18.50 -1.98
C LEU B 110 -11.94 -19.74 -1.18
N ASN B 111 -12.87 -20.70 -1.17
CA ASN B 111 -12.66 -21.94 -0.43
C ASN B 111 -12.37 -23.08 -1.40
N PRO B 112 -11.08 -23.45 -1.54
CA PRO B 112 -10.64 -24.53 -2.42
C PRO B 112 -11.44 -25.82 -2.25
N ASP B 113 -11.76 -26.14 -1.00
CA ASP B 113 -12.51 -27.35 -0.70
C ASP B 113 -13.84 -27.43 -1.41
N ASN B 114 -14.44 -26.28 -1.71
CA ASN B 114 -15.73 -26.27 -2.38
C ASN B 114 -15.62 -26.65 -3.86
N LEU B 115 -14.40 -26.80 -4.33
CA LEU B 115 -14.16 -27.17 -5.72
C LEU B 115 -14.10 -28.70 -5.78
N GLN B 116 -14.98 -29.30 -6.59
CA GLN B 116 -15.01 -30.74 -6.71
C GLN B 116 -14.27 -31.26 -7.94
N GLY B 117 -13.29 -32.12 -7.71
CA GLY B 117 -12.52 -32.68 -8.80
C GLY B 117 -11.57 -31.65 -9.37
N GLY B 118 -11.37 -31.70 -10.68
CA GLY B 118 -10.49 -30.74 -11.33
C GLY B 118 -9.06 -30.85 -10.85
N ASP B 119 -8.70 -32.00 -10.29
CA ASP B 119 -7.34 -32.19 -9.79
C ASP B 119 -6.52 -33.04 -10.75
N ASP B 120 -7.13 -33.49 -11.84
CA ASP B 120 -6.43 -34.31 -12.82
C ASP B 120 -6.98 -34.19 -14.24
N LEU B 121 -6.96 -32.98 -14.78
CA LEU B 121 -7.44 -32.79 -16.15
C LEU B 121 -6.41 -33.52 -17.02
N ASP B 122 -6.90 -34.24 -18.04
CA ASP B 122 -6.04 -35.01 -18.93
C ASP B 122 -4.77 -34.32 -19.41
N PRO B 123 -3.60 -34.78 -18.93
CA PRO B 123 -2.29 -34.24 -19.27
C PRO B 123 -1.93 -34.34 -20.75
N ASN B 124 -2.61 -35.22 -21.47
CA ASN B 124 -2.36 -35.38 -22.89
C ASN B 124 -3.05 -34.28 -23.68
N TYR B 125 -3.85 -33.46 -22.98
CA TYR B 125 -4.57 -32.36 -23.61
C TYR B 125 -4.25 -31.02 -22.95
N VAL B 126 -4.35 -30.98 -21.63
CA VAL B 126 -4.09 -29.77 -20.88
C VAL B 126 -2.59 -29.63 -20.63
N LEU B 127 -1.97 -28.61 -21.23
CA LEU B 127 -0.54 -28.38 -21.07
C LEU B 127 -0.24 -27.66 -19.76
N SER B 128 -1.14 -26.78 -19.35
CA SER B 128 -0.95 -26.03 -18.11
C SER B 128 -2.26 -25.45 -17.62
N SER B 129 -2.31 -25.19 -16.32
CA SER B 129 -3.49 -24.62 -15.68
C SER B 129 -3.10 -23.30 -15.03
N ARG B 130 -4.01 -22.33 -15.10
CA ARG B 130 -3.76 -21.01 -14.55
C ARG B 130 -5.02 -20.35 -14.01
N VAL B 131 -4.87 -19.64 -12.91
CA VAL B 131 -6.00 -18.93 -12.30
C VAL B 131 -5.48 -17.55 -11.95
N ARG B 132 -6.14 -16.50 -12.45
CA ARG B 132 -5.71 -15.16 -12.13
C ARG B 132 -6.86 -14.25 -11.78
N THR B 133 -6.51 -13.14 -11.13
CA THR B 133 -7.47 -12.12 -10.76
C THR B 133 -6.70 -10.82 -10.62
N GLY B 134 -7.41 -9.73 -10.36
CA GLY B 134 -6.74 -8.46 -10.20
C GLY B 134 -7.30 -7.75 -8.98
N ARG B 135 -6.53 -6.83 -8.42
CA ARG B 135 -6.97 -6.06 -7.26
C ARG B 135 -6.54 -4.61 -7.42
N SER B 136 -7.36 -3.69 -6.91
CA SER B 136 -7.06 -2.26 -6.96
C SER B 136 -6.89 -1.76 -5.54
N ILE B 137 -5.88 -0.92 -5.31
CA ILE B 137 -5.66 -0.36 -3.98
C ILE B 137 -6.52 0.91 -3.85
N ARG B 138 -7.46 0.90 -2.90
CA ARG B 138 -8.34 2.04 -2.69
C ARG B 138 -7.55 3.30 -2.36
N GLY B 139 -8.00 4.44 -2.90
CA GLY B 139 -7.31 5.69 -2.64
C GLY B 139 -6.41 6.13 -3.78
N PHE B 140 -6.13 5.23 -4.71
CA PHE B 140 -5.29 5.54 -5.87
C PHE B 140 -6.12 5.44 -7.13
N CYS B 141 -5.75 6.21 -8.16
CA CYS B 141 -6.45 6.16 -9.43
C CYS B 141 -6.04 4.88 -10.15
N LEU B 142 -6.87 4.44 -11.10
CA LEU B 142 -6.56 3.23 -11.85
C LEU B 142 -5.51 3.54 -12.93
N PRO B 143 -4.85 2.50 -13.48
CA PRO B 143 -3.83 2.65 -14.51
C PRO B 143 -4.12 3.60 -15.67
N PRO B 144 -5.40 3.70 -16.10
CA PRO B 144 -5.69 4.60 -17.21
C PRO B 144 -5.45 6.05 -16.84
N HIS B 145 -5.56 6.33 -15.54
CA HIS B 145 -5.46 7.70 -15.05
C HIS B 145 -4.37 8.02 -14.02
N CYS B 146 -3.84 7.01 -13.34
CA CYS B 146 -2.84 7.27 -12.30
C CYS B 146 -1.60 8.03 -12.76
N SER B 147 -1.13 8.92 -11.89
CA SER B 147 0.06 9.73 -12.17
C SER B 147 1.31 8.89 -11.91
N ARG B 148 2.46 9.38 -12.36
CA ARG B 148 3.71 8.67 -12.13
C ARG B 148 3.92 8.51 -10.63
N GLY B 149 3.53 9.53 -9.88
CA GLY B 149 3.65 9.49 -8.43
C GLY B 149 2.80 8.38 -7.81
N GLU B 150 1.54 8.32 -8.20
CA GLU B 150 0.62 7.30 -7.69
C GLU B 150 1.13 5.91 -8.02
N ARG B 151 1.50 5.71 -9.28
CA ARG B 151 1.99 4.43 -9.73
C ARG B 151 3.21 4.01 -8.93
N ARG B 152 4.11 4.96 -8.69
CA ARG B 152 5.30 4.64 -7.91
C ARG B 152 4.93 4.28 -6.48
N ALA B 153 3.93 4.94 -5.93
CA ALA B 153 3.47 4.67 -4.56
C ALA B 153 2.89 3.27 -4.47
N ILE B 154 2.15 2.87 -5.51
CA ILE B 154 1.55 1.55 -5.56
C ILE B 154 2.62 0.46 -5.60
N GLU B 155 3.63 0.66 -6.46
CA GLU B 155 4.72 -0.30 -6.56
C GLU B 155 5.43 -0.44 -5.21
N LYS B 156 5.67 0.69 -4.57
CA LYS B 156 6.32 0.71 -3.26
C LYS B 156 5.52 -0.15 -2.27
N LEU B 157 4.21 0.09 -2.19
CA LEU B 157 3.34 -0.66 -1.29
C LEU B 157 3.26 -2.14 -1.63
N ALA B 158 3.23 -2.45 -2.92
CA ALA B 158 3.15 -3.83 -3.38
C ALA B 158 4.42 -4.62 -3.05
N VAL B 159 5.57 -4.01 -3.28
CA VAL B 159 6.84 -4.65 -3.00
C VAL B 159 7.04 -4.95 -1.50
N GLU B 160 6.73 -3.99 -0.64
CA GLU B 160 6.90 -4.22 0.78
C GLU B 160 5.95 -5.29 1.29
N ALA B 161 4.72 -5.30 0.78
CA ALA B 161 3.75 -6.30 1.19
C ALA B 161 4.18 -7.69 0.75
N LEU B 162 4.41 -7.85 -0.55
CA LEU B 162 4.81 -9.12 -1.12
C LEU B 162 6.10 -9.69 -0.54
N SER B 163 6.95 -8.83 0.00
CA SER B 163 8.22 -9.29 0.57
C SER B 163 7.98 -10.05 1.87
N SER B 164 6.74 -10.04 2.35
CA SER B 164 6.41 -10.72 3.59
C SER B 164 5.95 -12.16 3.38
N LEU B 165 5.60 -12.50 2.15
CA LEU B 165 5.16 -13.85 1.84
C LEU B 165 6.33 -14.80 2.11
N ASP B 166 6.02 -16.01 2.53
CA ASP B 166 7.07 -17.00 2.83
C ASP B 166 6.63 -18.41 2.47
N GLY B 167 7.50 -19.38 2.77
CA GLY B 167 7.20 -20.76 2.46
C GLY B 167 7.29 -20.97 0.97
N ASP B 168 6.33 -21.69 0.40
CA ASP B 168 6.34 -21.93 -1.03
C ASP B 168 6.00 -20.63 -1.76
N LEU B 169 5.59 -19.62 -1.00
CA LEU B 169 5.23 -18.33 -1.57
C LEU B 169 6.33 -17.29 -1.42
N ALA B 170 7.45 -17.67 -0.81
CA ALA B 170 8.55 -16.75 -0.66
C ALA B 170 8.93 -16.32 -2.08
N GLY B 171 9.18 -15.03 -2.28
CA GLY B 171 9.51 -14.57 -3.62
C GLY B 171 10.42 -13.36 -3.73
N ARG B 172 10.48 -12.81 -4.95
CA ARG B 172 11.33 -11.67 -5.25
C ARG B 172 10.64 -10.78 -6.29
N TYR B 173 10.92 -9.47 -6.23
CA TYR B 173 10.33 -8.54 -7.18
C TYR B 173 11.34 -8.22 -8.26
N TYR B 174 10.88 -8.23 -9.51
CA TYR B 174 11.73 -7.91 -10.65
C TYR B 174 11.13 -6.70 -11.37
N ALA B 175 11.76 -5.55 -11.19
CA ALA B 175 11.29 -4.32 -11.84
C ALA B 175 11.55 -4.44 -13.33
N LEU B 176 10.58 -4.03 -14.14
CA LEU B 176 10.70 -4.11 -15.59
C LEU B 176 11.99 -3.45 -16.07
N LYS B 177 12.26 -2.26 -15.57
CA LYS B 177 13.45 -1.50 -15.96
C LYS B 177 14.76 -2.15 -15.55
N SER B 178 14.70 -3.17 -14.70
CA SER B 178 15.92 -3.84 -14.25
C SER B 178 16.23 -5.13 -14.99
N MET B 179 15.39 -5.50 -15.95
CA MET B 179 15.62 -6.74 -16.70
C MET B 179 16.27 -6.42 -18.03
N THR B 180 17.06 -7.36 -18.54
CA THR B 180 17.69 -7.17 -19.83
C THR B 180 16.59 -7.47 -20.85
N GLU B 181 16.85 -7.17 -22.12
CA GLU B 181 15.86 -7.42 -23.16
C GLU B 181 15.56 -8.91 -23.25
N ALA B 182 16.59 -9.74 -23.13
CA ALA B 182 16.42 -11.18 -23.21
C ALA B 182 15.64 -11.73 -22.02
N GLU B 183 15.92 -11.19 -20.83
CA GLU B 183 15.23 -11.63 -19.63
C GLU B 183 13.74 -11.35 -19.70
N GLN B 184 13.38 -10.16 -20.18
CA GLN B 184 11.97 -9.80 -20.28
C GLN B 184 11.21 -10.65 -21.29
N GLN B 185 11.77 -10.81 -22.49
CA GLN B 185 11.10 -11.61 -23.52
C GLN B 185 11.00 -13.08 -23.12
N GLN B 186 12.00 -13.56 -22.39
CA GLN B 186 12.01 -14.95 -21.96
C GLN B 186 10.79 -15.20 -21.06
N LEU B 187 10.57 -14.30 -20.11
CA LEU B 187 9.43 -14.42 -19.20
C LEU B 187 8.11 -14.28 -19.95
N ILE B 188 8.09 -13.40 -20.95
CA ILE B 188 6.89 -13.19 -21.74
C ILE B 188 6.57 -14.45 -22.53
N ASP B 189 7.54 -14.91 -23.30
CA ASP B 189 7.36 -16.10 -24.14
C ASP B 189 7.02 -17.35 -23.33
N ASP B 190 7.52 -17.44 -22.10
CA ASP B 190 7.22 -18.59 -21.25
C ASP B 190 5.85 -18.43 -20.60
N HIS B 191 5.14 -17.37 -20.97
CA HIS B 191 3.79 -17.10 -20.48
C HIS B 191 3.67 -16.60 -19.04
N PHE B 192 4.77 -16.08 -18.48
CA PHE B 192 4.76 -15.59 -17.11
C PHE B 192 4.56 -14.08 -16.96
N LEU B 193 5.24 -13.30 -17.81
CA LEU B 193 5.16 -11.84 -17.76
C LEU B 193 4.23 -11.23 -18.79
N PHE B 194 3.65 -10.08 -18.45
CA PHE B 194 2.75 -9.39 -19.36
C PHE B 194 3.53 -8.94 -20.57
N ASP B 195 2.86 -8.92 -21.73
CA ASP B 195 3.53 -8.54 -22.96
C ASP B 195 3.97 -7.09 -22.92
N LYS B 196 4.69 -6.67 -23.96
CA LYS B 196 5.13 -5.29 -24.05
C LYS B 196 3.85 -4.52 -24.33
N PRO B 197 3.82 -3.23 -23.98
CA PRO B 197 2.64 -2.38 -24.18
C PRO B 197 2.20 -2.24 -25.65
N VAL B 198 1.65 -3.32 -26.20
CA VAL B 198 1.21 -3.32 -27.59
C VAL B 198 -0.30 -3.35 -27.73
N SER B 199 -0.99 -3.76 -26.67
CA SER B 199 -2.45 -3.83 -26.68
C SER B 199 -3.11 -2.53 -27.16
N PRO B 200 -4.12 -2.66 -28.03
CA PRO B 200 -4.85 -1.50 -28.56
C PRO B 200 -5.63 -0.77 -27.45
N LEU B 201 -6.11 -1.55 -26.48
CA LEU B 201 -6.85 -1.01 -25.35
C LEU B 201 -5.87 -0.29 -24.44
N LEU B 202 -4.76 -0.97 -24.16
CA LEU B 202 -3.73 -0.43 -23.31
C LEU B 202 -3.25 0.95 -23.78
N LEU B 203 -2.91 1.05 -25.05
CA LEU B 203 -2.42 2.31 -25.60
C LEU B 203 -3.45 3.44 -25.60
N ALA B 204 -4.62 3.16 -26.16
CA ALA B 204 -5.68 4.16 -26.27
C ALA B 204 -6.29 4.64 -24.96
N SER B 205 -6.19 3.84 -23.90
CA SER B 205 -6.77 4.23 -22.62
C SER B 205 -5.81 5.02 -21.73
N GLY B 206 -4.55 5.14 -22.17
CA GLY B 206 -3.58 5.89 -21.39
C GLY B 206 -2.80 5.05 -20.39
N MET B 207 -2.97 3.73 -20.44
CA MET B 207 -2.27 2.85 -19.51
C MET B 207 -0.80 2.57 -19.87
N ALA B 208 -0.35 3.03 -21.03
CA ALA B 208 1.03 2.77 -21.43
C ALA B 208 1.96 3.93 -21.07
N ARG B 209 1.40 4.99 -20.50
CA ARG B 209 2.19 6.16 -20.10
C ARG B 209 3.39 5.83 -19.21
N ASP B 210 4.49 6.50 -19.51
CA ASP B 210 5.74 6.37 -18.74
C ASP B 210 6.39 4.99 -18.72
N TRP B 211 5.83 4.06 -19.49
CA TRP B 211 6.36 2.70 -19.53
C TRP B 211 7.89 2.73 -19.72
N PRO B 212 8.62 1.86 -19.00
CA PRO B 212 8.19 0.83 -18.04
C PRO B 212 8.29 1.28 -16.58
N ASP B 213 8.20 2.59 -16.34
CA ASP B 213 8.31 3.12 -15.00
C ASP B 213 7.32 2.51 -14.01
N ALA B 214 7.86 2.04 -12.89
CA ALA B 214 7.07 1.44 -11.83
C ALA B 214 6.26 0.20 -12.18
N ARG B 215 6.69 -0.53 -13.21
CA ARG B 215 6.03 -1.78 -13.61
C ARG B 215 7.01 -2.89 -13.30
N GLY B 216 6.50 -4.06 -12.96
CA GLY B 216 7.37 -5.18 -12.65
C GLY B 216 6.60 -6.42 -12.31
N ILE B 217 7.31 -7.50 -12.02
CA ILE B 217 6.70 -8.75 -11.68
C ILE B 217 7.37 -9.39 -10.48
N TRP B 218 6.55 -9.90 -9.56
CA TRP B 218 7.01 -10.56 -8.37
C TRP B 218 6.56 -12.01 -8.53
N HIS B 219 7.40 -12.96 -8.15
CA HIS B 219 7.03 -14.36 -8.25
C HIS B 219 7.88 -15.22 -7.33
N ASN B 220 7.33 -16.36 -6.92
CA ASN B 220 8.06 -17.28 -6.04
C ASN B 220 9.11 -17.98 -6.88
N ASP B 221 10.00 -18.71 -6.22
CA ASP B 221 11.08 -19.41 -6.90
C ASP B 221 10.67 -20.33 -8.06
N ASN B 222 9.57 -21.06 -7.89
CA ASN B 222 9.13 -21.98 -8.94
C ASN B 222 8.27 -21.32 -10.00
N LYS B 223 7.98 -20.04 -9.81
CA LYS B 223 7.14 -19.31 -10.77
C LYS B 223 5.79 -20.00 -10.91
N THR B 224 5.17 -20.29 -9.78
CA THR B 224 3.86 -20.94 -9.74
C THR B 224 2.86 -19.96 -9.14
N PHE B 225 3.38 -18.90 -8.52
CA PHE B 225 2.56 -17.84 -7.94
C PHE B 225 3.27 -16.54 -8.31
N LEU B 226 2.58 -15.69 -9.06
CA LEU B 226 3.19 -14.44 -9.53
C LEU B 226 2.25 -13.27 -9.43
N VAL B 227 2.82 -12.07 -9.33
CA VAL B 227 2.04 -10.86 -9.24
C VAL B 227 2.58 -9.78 -10.17
N TRP B 228 1.73 -9.31 -11.08
CA TRP B 228 2.11 -8.25 -12.01
C TRP B 228 1.79 -6.94 -11.30
N VAL B 229 2.75 -6.02 -11.28
CA VAL B 229 2.55 -4.74 -10.62
C VAL B 229 2.40 -3.59 -11.61
N ASN B 230 1.26 -2.92 -11.54
CA ASN B 230 0.99 -1.75 -12.38
C ASN B 230 0.85 -1.90 -13.89
N GLU B 231 0.37 -3.05 -14.37
CA GLU B 231 0.16 -3.20 -15.81
C GLU B 231 -1.25 -2.69 -16.10
N GLU B 232 -2.22 -3.58 -16.37
CA GLU B 232 -3.58 -3.13 -16.63
C GLU B 232 -4.33 -2.81 -15.34
N ASP B 233 -3.86 -3.36 -14.23
CA ASP B 233 -4.44 -3.12 -12.92
C ASP B 233 -3.30 -2.92 -11.92
N HIS B 234 -3.61 -2.35 -10.76
CA HIS B 234 -2.56 -2.16 -9.77
C HIS B 234 -1.87 -3.49 -9.55
N LEU B 235 -2.69 -4.52 -9.39
CA LEU B 235 -2.21 -5.87 -9.12
C LEU B 235 -2.96 -6.94 -9.93
N ARG B 236 -2.21 -7.93 -10.40
CA ARG B 236 -2.76 -9.07 -11.12
C ARG B 236 -2.13 -10.26 -10.40
N VAL B 237 -2.94 -10.99 -9.65
CA VAL B 237 -2.46 -12.15 -8.90
C VAL B 237 -2.67 -13.40 -9.73
N ILE B 238 -1.57 -14.12 -9.98
CA ILE B 238 -1.60 -15.31 -10.80
C ILE B 238 -1.02 -16.58 -10.18
N SER B 239 -1.70 -17.69 -10.41
CA SER B 239 -1.27 -19.00 -9.94
C SER B 239 -1.28 -19.87 -11.19
N MET B 240 -0.18 -20.56 -11.47
CA MET B 240 -0.10 -21.41 -12.66
C MET B 240 0.99 -22.45 -12.56
N GLN B 241 0.85 -23.50 -13.38
CA GLN B 241 1.80 -24.60 -13.41
C GLN B 241 1.49 -25.50 -14.59
N LYS B 242 2.47 -26.30 -15.00
CA LYS B 242 2.29 -27.22 -16.09
C LYS B 242 1.32 -28.32 -15.64
N GLY B 243 0.66 -28.97 -16.59
CA GLY B 243 -0.26 -30.03 -16.23
C GLY B 243 -1.70 -29.58 -16.07
N GLY B 244 -2.54 -30.51 -15.61
CA GLY B 244 -3.95 -30.22 -15.44
C GLY B 244 -4.49 -30.39 -14.03
N ASN B 245 -3.71 -30.01 -13.03
CA ASN B 245 -4.19 -30.11 -11.66
C ASN B 245 -4.70 -28.73 -11.26
N MET B 246 -5.85 -28.36 -11.82
CA MET B 246 -6.49 -27.08 -11.58
C MET B 246 -6.79 -26.84 -10.10
N LYS B 247 -7.09 -27.91 -9.37
CA LYS B 247 -7.41 -27.78 -7.95
C LYS B 247 -6.23 -27.29 -7.14
N GLU B 248 -5.04 -27.85 -7.38
CA GLU B 248 -3.87 -27.41 -6.66
C GLU B 248 -3.56 -25.96 -7.05
N VAL B 249 -3.70 -25.62 -8.33
CA VAL B 249 -3.44 -24.26 -8.79
C VAL B 249 -4.37 -23.30 -8.06
N PHE B 250 -5.64 -23.69 -7.96
CA PHE B 250 -6.64 -22.86 -7.30
C PHE B 250 -6.43 -22.75 -5.79
N THR B 251 -5.99 -23.84 -5.17
CA THR B 251 -5.74 -23.83 -3.73
C THR B 251 -4.63 -22.84 -3.44
N ARG B 252 -3.55 -22.89 -4.22
CA ARG B 252 -2.42 -21.99 -4.04
C ARG B 252 -2.87 -20.55 -4.30
N PHE B 253 -3.77 -20.40 -5.27
CA PHE B 253 -4.32 -19.10 -5.62
C PHE B 253 -5.09 -18.49 -4.45
N CYS B 254 -6.00 -19.26 -3.87
CA CYS B 254 -6.80 -18.79 -2.74
C CYS B 254 -5.90 -18.47 -1.54
N THR B 255 -4.92 -19.32 -1.28
CA THR B 255 -4.02 -19.13 -0.16
C THR B 255 -3.21 -17.84 -0.32
N GLY B 256 -2.49 -17.73 -1.43
CA GLY B 256 -1.68 -16.55 -1.65
C GLY B 256 -2.50 -15.27 -1.65
N LEU B 257 -3.64 -15.31 -2.33
CA LEU B 257 -4.52 -14.15 -2.42
C LEU B 257 -4.96 -13.62 -1.06
N THR B 258 -5.37 -14.54 -0.18
CA THR B 258 -5.82 -14.16 1.15
C THR B 258 -4.67 -13.60 1.98
N GLN B 259 -3.48 -14.16 1.82
CA GLN B 259 -2.32 -13.67 2.56
C GLN B 259 -1.98 -12.26 2.07
N ILE B 260 -2.09 -12.05 0.76
CA ILE B 260 -1.81 -10.73 0.19
C ILE B 260 -2.76 -9.69 0.77
N GLU B 261 -4.05 -9.99 0.80
CA GLU B 261 -5.02 -9.05 1.34
C GLU B 261 -4.72 -8.75 2.80
N THR B 262 -4.33 -9.79 3.55
CA THR B 262 -4.00 -9.65 4.96
C THR B 262 -2.84 -8.69 5.13
N LEU B 263 -1.80 -8.86 4.32
CA LEU B 263 -0.63 -8.01 4.38
C LEU B 263 -0.97 -6.54 4.10
N PHE B 264 -1.83 -6.30 3.12
CA PHE B 264 -2.21 -4.92 2.82
C PHE B 264 -3.02 -4.31 3.96
N LYS B 265 -3.91 -5.11 4.55
CA LYS B 265 -4.73 -4.62 5.65
C LYS B 265 -3.86 -4.21 6.84
N SER B 266 -2.82 -4.98 7.12
CA SER B 266 -1.93 -4.66 8.24
C SER B 266 -1.30 -3.29 8.04
N LYS B 267 -1.31 -2.81 6.80
CA LYS B 267 -0.74 -1.50 6.49
C LYS B 267 -1.83 -0.47 6.30
N ASP B 268 -3.04 -0.78 6.74
CA ASP B 268 -4.17 0.15 6.64
C ASP B 268 -4.63 0.41 5.21
N TYR B 269 -4.42 -0.54 4.32
CA TYR B 269 -4.84 -0.38 2.93
C TYR B 269 -5.89 -1.43 2.61
N GLU B 270 -6.87 -1.05 1.79
CA GLU B 270 -7.92 -1.99 1.41
C GLU B 270 -8.10 -2.01 -0.10
N PHE B 271 -8.58 -3.14 -0.61
CA PHE B 271 -8.81 -3.26 -2.04
C PHE B 271 -10.15 -2.61 -2.38
N MET B 272 -10.26 -2.06 -3.58
CA MET B 272 -11.51 -1.45 -4.00
C MET B 272 -12.51 -2.59 -4.12
N TRP B 273 -13.66 -2.43 -3.46
CA TRP B 273 -14.68 -3.46 -3.46
C TRP B 273 -16.00 -2.91 -2.97
N ASN B 274 -17.09 -3.54 -3.40
CA ASN B 274 -18.42 -3.19 -2.95
C ASN B 274 -19.32 -4.38 -3.27
N PRO B 275 -20.36 -4.60 -2.45
CA PRO B 275 -21.35 -5.68 -2.56
C PRO B 275 -21.94 -5.95 -3.93
N HIS B 276 -22.09 -4.90 -4.73
CA HIS B 276 -22.68 -5.04 -6.06
C HIS B 276 -21.70 -5.41 -7.18
N LEU B 277 -20.63 -4.64 -7.30
CA LEU B 277 -19.64 -4.86 -8.35
C LEU B 277 -18.51 -5.81 -7.98
N GLY B 278 -18.48 -6.27 -6.73
CA GLY B 278 -17.40 -7.14 -6.32
C GLY B 278 -16.13 -6.31 -6.31
N TYR B 279 -15.02 -6.90 -6.75
CA TYR B 279 -13.76 -6.16 -6.78
C TYR B 279 -13.68 -5.23 -7.98
N ILE B 280 -13.28 -3.98 -7.72
CA ILE B 280 -13.19 -2.96 -8.75
C ILE B 280 -11.88 -2.96 -9.53
N LEU B 281 -11.99 -3.08 -10.86
CA LEU B 281 -10.82 -3.10 -11.74
C LEU B 281 -11.02 -2.13 -12.91
N THR B 282 -9.94 -1.91 -13.68
CA THR B 282 -9.97 -1.00 -14.80
C THR B 282 -11.05 -1.29 -15.85
N CYS B 283 -11.09 -2.52 -16.33
CA CYS B 283 -12.06 -2.90 -17.35
C CYS B 283 -13.27 -3.60 -16.75
N PRO B 284 -14.47 -3.11 -17.08
CA PRO B 284 -15.73 -3.66 -16.59
C PRO B 284 -15.84 -5.18 -16.75
N SER B 285 -15.13 -5.72 -17.73
CA SER B 285 -15.15 -7.15 -17.98
C SER B 285 -14.50 -7.93 -16.84
N ASN B 286 -13.68 -7.25 -16.05
CA ASN B 286 -12.99 -7.90 -14.94
C ASN B 286 -13.57 -7.65 -13.57
N LEU B 287 -14.81 -7.18 -13.49
CA LEU B 287 -15.42 -6.91 -12.20
C LEU B 287 -15.85 -8.17 -11.45
N GLY B 288 -16.33 -7.99 -10.22
CA GLY B 288 -16.77 -9.11 -9.42
C GLY B 288 -15.63 -9.94 -8.87
N THR B 289 -15.38 -11.09 -9.48
CA THR B 289 -14.30 -11.96 -9.05
C THR B 289 -13.01 -11.55 -9.75
N GLY B 290 -13.16 -10.98 -10.95
CA GLY B 290 -12.01 -10.56 -11.74
C GLY B 290 -11.18 -11.80 -12.02
N LEU B 291 -11.81 -12.96 -11.82
CA LEU B 291 -11.14 -14.24 -11.99
C LEU B 291 -11.24 -14.87 -13.37
N ARG B 292 -10.08 -15.28 -13.89
CA ARG B 292 -10.01 -15.95 -15.18
C ARG B 292 -9.22 -17.23 -14.95
N ALA B 293 -9.92 -18.36 -14.91
CA ALA B 293 -9.30 -19.65 -14.72
C ALA B 293 -9.34 -20.35 -16.07
N GLY B 294 -8.24 -20.94 -16.47
CA GLY B 294 -8.21 -21.60 -17.75
C GLY B 294 -7.03 -22.52 -17.93
N VAL B 295 -6.99 -23.16 -19.09
CA VAL B 295 -5.93 -24.09 -19.41
C VAL B 295 -5.40 -23.85 -20.82
N HIS B 296 -4.20 -24.35 -21.07
CA HIS B 296 -3.60 -24.30 -22.39
C HIS B 296 -3.95 -25.71 -22.81
N ILE B 297 -4.79 -25.86 -23.83
CA ILE B 297 -5.21 -27.19 -24.24
C ILE B 297 -5.10 -27.47 -25.74
N LYS B 298 -4.60 -28.66 -26.07
CA LYS B 298 -4.42 -29.09 -27.45
C LYS B 298 -5.73 -29.58 -28.06
N LEU B 299 -6.28 -28.81 -28.97
CA LEU B 299 -7.54 -29.19 -29.61
C LEU B 299 -7.48 -28.89 -31.11
N PRO B 300 -6.65 -29.64 -31.84
CA PRO B 300 -6.52 -29.43 -33.28
C PRO B 300 -7.83 -29.66 -34.04
N ASN B 301 -8.62 -30.65 -33.61
CA ASN B 301 -9.89 -30.95 -34.25
C ASN B 301 -10.96 -29.90 -33.92
N LEU B 302 -11.34 -29.82 -32.65
CA LEU B 302 -12.34 -28.84 -32.23
C LEU B 302 -11.98 -27.46 -32.73
N GLY B 303 -10.68 -27.15 -32.72
CA GLY B 303 -10.21 -25.86 -33.16
C GLY B 303 -10.72 -25.45 -34.53
N LYS B 304 -10.77 -26.41 -35.44
CA LYS B 304 -11.24 -26.14 -36.80
C LYS B 304 -12.59 -26.82 -37.01
N HIS B 305 -13.54 -26.51 -36.14
CA HIS B 305 -14.86 -27.10 -36.23
C HIS B 305 -15.96 -26.04 -36.21
N GLU B 306 -17.07 -26.32 -36.90
CA GLU B 306 -18.21 -25.41 -36.98
C GLU B 306 -18.70 -24.89 -35.64
N LYS B 307 -19.34 -25.78 -34.89
CA LYS B 307 -19.93 -25.44 -33.60
C LYS B 307 -18.98 -25.38 -32.41
N PHE B 308 -17.71 -25.05 -32.66
CA PHE B 308 -16.76 -24.96 -31.55
C PHE B 308 -17.06 -23.72 -30.73
N SER B 309 -17.23 -22.58 -31.40
CA SER B 309 -17.53 -21.33 -30.71
C SER B 309 -18.88 -21.42 -30.03
N GLU B 310 -19.70 -22.37 -30.47
CA GLU B 310 -21.02 -22.57 -29.89
C GLU B 310 -20.94 -23.33 -28.58
N VAL B 311 -20.09 -24.35 -28.54
CA VAL B 311 -19.92 -25.14 -27.33
C VAL B 311 -19.34 -24.24 -26.25
N LEU B 312 -18.40 -23.38 -26.64
CA LEU B 312 -17.75 -22.47 -25.71
C LEU B 312 -18.74 -21.44 -25.14
N LYS B 313 -19.54 -20.84 -26.02
CA LYS B 313 -20.53 -19.86 -25.59
C LYS B 313 -21.58 -20.56 -24.73
N ARG B 314 -21.77 -21.85 -25.01
CA ARG B 314 -22.73 -22.66 -24.28
C ARG B 314 -22.21 -22.91 -22.87
N LEU B 315 -20.92 -23.20 -22.76
CA LEU B 315 -20.29 -23.47 -21.48
C LEU B 315 -19.80 -22.21 -20.78
N ARG B 316 -20.17 -21.06 -21.30
CA ARG B 316 -19.76 -19.79 -20.71
C ARG B 316 -18.23 -19.67 -20.69
N LEU B 317 -17.59 -20.24 -21.70
CA LEU B 317 -16.13 -20.22 -21.80
C LEU B 317 -15.66 -19.34 -22.96
N GLN B 318 -14.49 -18.74 -22.82
CA GLN B 318 -13.93 -17.89 -23.86
C GLN B 318 -12.61 -18.50 -24.35
N LYS B 319 -12.30 -18.32 -25.63
CA LYS B 319 -11.06 -18.86 -26.17
C LYS B 319 -10.11 -17.73 -26.55
N ARG B 320 -8.82 -17.95 -26.32
CA ARG B 320 -7.80 -16.97 -26.64
C ARG B 320 -6.61 -17.66 -27.29
N GLY B 321 -5.67 -16.88 -27.78
CA GLY B 321 -4.48 -17.43 -28.41
C GLY B 321 -3.52 -17.95 -27.37
N THR B 322 -2.53 -18.72 -27.82
CA THR B 322 -1.52 -19.30 -26.93
C THR B 322 -0.75 -18.20 -26.21
N GLY B 323 -0.60 -17.05 -26.86
CA GLY B 323 0.12 -15.94 -26.27
C GLY B 323 -0.77 -14.91 -25.62
N GLY B 324 -2.04 -15.25 -25.43
CA GLY B 324 -2.95 -14.31 -24.80
C GLY B 324 -4.07 -13.82 -25.69
N VAL B 325 -4.87 -12.92 -25.13
CA VAL B 325 -6.03 -12.35 -25.81
C VAL B 325 -5.72 -11.64 -27.12
N ASP B 326 -4.53 -11.05 -27.22
CA ASP B 326 -4.12 -10.33 -28.43
C ASP B 326 -3.41 -11.22 -29.44
N THR B 327 -3.43 -12.52 -29.22
CA THR B 327 -2.76 -13.44 -30.12
C THR B 327 -3.66 -14.54 -30.63
N ALA B 328 -3.20 -15.24 -31.66
CA ALA B 328 -3.96 -16.34 -32.24
C ALA B 328 -3.46 -17.64 -31.64
N ALA B 329 -4.20 -18.71 -31.83
CA ALA B 329 -3.80 -20.01 -31.33
C ALA B 329 -2.79 -20.62 -32.30
N VAL B 330 -1.66 -21.09 -31.79
CA VAL B 330 -0.63 -21.70 -32.63
C VAL B 330 -0.39 -23.13 -32.19
N GLY B 331 -0.16 -24.01 -33.17
CA GLY B 331 0.07 -25.41 -32.85
C GLY B 331 -1.14 -26.10 -32.25
N GLY B 332 -2.33 -25.54 -32.49
CA GLY B 332 -3.54 -26.13 -31.97
C GLY B 332 -3.76 -25.93 -30.48
N VAL B 333 -2.89 -25.15 -29.85
CA VAL B 333 -3.00 -24.89 -28.42
C VAL B 333 -3.89 -23.69 -28.12
N PHE B 334 -5.06 -23.97 -27.54
CA PHE B 334 -6.02 -22.94 -27.20
C PHE B 334 -6.03 -22.58 -25.72
N ASP B 335 -6.29 -21.32 -25.43
CA ASP B 335 -6.39 -20.81 -24.07
C ASP B 335 -7.90 -20.80 -23.83
N VAL B 336 -8.38 -21.74 -23.01
CA VAL B 336 -9.79 -21.82 -22.70
C VAL B 336 -10.02 -21.49 -21.22
N SER B 337 -10.85 -20.47 -20.99
CA SER B 337 -11.16 -20.02 -19.64
C SER B 337 -12.62 -19.60 -19.52
N ASN B 338 -13.05 -19.37 -18.28
CA ASN B 338 -14.42 -18.94 -18.01
C ASN B 338 -14.61 -17.53 -18.57
N ALA B 339 -15.72 -17.30 -19.25
CA ALA B 339 -16.03 -16.01 -19.86
C ALA B 339 -16.51 -14.92 -18.90
N ASP B 340 -17.44 -15.26 -18.02
CA ASP B 340 -17.97 -14.29 -17.06
C ASP B 340 -17.21 -14.25 -15.74
N ARG B 341 -17.30 -13.12 -15.04
CA ARG B 341 -16.58 -12.96 -13.78
C ARG B 341 -17.43 -12.31 -12.67
N LEU B 342 -18.60 -11.83 -13.04
CA LEU B 342 -19.50 -11.17 -12.09
C LEU B 342 -20.82 -11.92 -12.01
N GLY B 343 -21.28 -12.20 -10.80
CA GLY B 343 -22.54 -12.92 -10.65
C GLY B 343 -22.31 -14.39 -10.30
N PHE B 344 -21.06 -14.80 -10.30
CA PHE B 344 -20.67 -16.16 -9.96
C PHE B 344 -19.50 -16.08 -8.99
N SER B 345 -19.41 -17.04 -8.08
CA SER B 345 -18.33 -17.05 -7.12
C SER B 345 -17.08 -17.62 -7.79
N GLU B 346 -15.94 -17.41 -7.16
CA GLU B 346 -14.69 -17.92 -7.68
C GLU B 346 -14.76 -19.44 -7.85
N VAL B 347 -15.32 -20.13 -6.85
CA VAL B 347 -15.44 -21.58 -6.93
C VAL B 347 -16.34 -22.01 -8.09
N GLU B 348 -17.49 -21.36 -8.24
CA GLU B 348 -18.42 -21.70 -9.32
C GLU B 348 -17.74 -21.52 -10.67
N LEU B 349 -16.91 -20.48 -10.76
CA LEU B 349 -16.19 -20.17 -11.99
C LEU B 349 -15.17 -21.25 -12.35
N VAL B 350 -14.33 -21.63 -11.39
CA VAL B 350 -13.35 -22.66 -11.65
C VAL B 350 -14.07 -23.97 -11.98
N GLN B 351 -15.17 -24.22 -11.28
CA GLN B 351 -15.94 -25.45 -11.49
C GLN B 351 -16.44 -25.53 -12.94
N MET B 352 -16.84 -24.39 -13.50
CA MET B 352 -17.34 -24.36 -14.88
C MET B 352 -16.21 -24.66 -15.86
N VAL B 353 -15.00 -24.23 -15.53
CA VAL B 353 -13.85 -24.48 -16.37
C VAL B 353 -13.49 -25.95 -16.30
N VAL B 354 -13.47 -26.51 -15.10
CA VAL B 354 -13.13 -27.92 -14.93
C VAL B 354 -14.13 -28.79 -15.69
N ASP B 355 -15.42 -28.55 -15.46
CA ASP B 355 -16.47 -29.33 -16.12
C ASP B 355 -16.45 -29.10 -17.62
N GLY B 356 -16.25 -27.85 -18.03
CA GLY B 356 -16.22 -27.52 -19.44
C GLY B 356 -15.12 -28.20 -20.22
N VAL B 357 -13.90 -28.16 -19.67
CA VAL B 357 -12.74 -28.78 -20.31
C VAL B 357 -13.00 -30.24 -20.65
N LYS B 358 -13.52 -30.98 -19.69
CA LYS B 358 -13.79 -32.41 -19.89
C LYS B 358 -14.75 -32.67 -21.06
N LEU B 359 -15.67 -31.75 -21.31
CA LEU B 359 -16.61 -31.94 -22.41
C LEU B 359 -15.86 -31.65 -23.71
N LEU B 360 -14.94 -30.69 -23.64
CA LEU B 360 -14.14 -30.31 -24.80
C LEU B 360 -13.22 -31.45 -25.22
N ILE B 361 -12.60 -32.11 -24.24
CA ILE B 361 -11.70 -33.21 -24.52
C ILE B 361 -12.49 -34.36 -25.12
N GLU B 362 -13.73 -34.52 -24.66
CA GLU B 362 -14.58 -35.58 -25.16
C GLU B 362 -14.86 -35.36 -26.64
N MET B 363 -15.31 -34.15 -26.97
CA MET B 363 -15.61 -33.80 -28.35
C MET B 363 -14.37 -34.00 -29.23
N GLU B 364 -13.21 -33.65 -28.68
CA GLU B 364 -11.94 -33.79 -29.40
C GLU B 364 -11.60 -35.25 -29.65
N GLN B 365 -11.68 -36.06 -28.59
CA GLN B 365 -11.38 -37.49 -28.70
C GLN B 365 -12.23 -38.19 -29.75
N ARG B 366 -13.45 -37.69 -29.97
CA ARG B 366 -14.33 -38.30 -30.96
C ARG B 366 -14.05 -37.74 -32.35
N LEU B 367 -13.75 -36.45 -32.43
CA LEU B 367 -13.46 -35.85 -33.72
C LEU B 367 -12.21 -36.49 -34.31
N GLU B 368 -11.30 -36.92 -33.45
CA GLU B 368 -10.06 -37.55 -33.90
C GLU B 368 -10.31 -39.01 -34.28
N GLN B 369 -11.53 -39.49 -34.05
CA GLN B 369 -11.90 -40.85 -34.39
C GLN B 369 -12.98 -40.84 -35.47
N GLY B 370 -13.11 -39.70 -36.15
CA GLY B 370 -14.10 -39.57 -37.21
C GLY B 370 -15.53 -39.58 -36.71
N GLN B 371 -15.72 -39.89 -35.44
CA GLN B 371 -17.05 -39.94 -34.85
C GLN B 371 -17.55 -38.54 -34.51
N ALA B 372 -17.62 -37.67 -35.51
CA ALA B 372 -18.09 -36.29 -35.31
C ALA B 372 -19.43 -36.30 -34.58
N ILE B 373 -19.36 -36.12 -33.27
CA ILE B 373 -20.56 -36.13 -32.43
C ILE B 373 -21.16 -34.74 -32.21
N ASP B 374 -22.49 -34.70 -32.15
CA ASP B 374 -23.22 -33.45 -31.94
C ASP B 374 -24.18 -33.62 -30.77
N ASP B 375 -24.21 -34.83 -30.20
CA ASP B 375 -25.09 -35.09 -29.07
C ASP B 375 -24.45 -34.56 -27.79
N LEU B 376 -23.13 -34.53 -27.75
CA LEU B 376 -22.40 -34.03 -26.59
C LEU B 376 -22.74 -32.56 -26.36
N MET B 377 -23.21 -31.90 -27.41
CA MET B 377 -23.58 -30.49 -27.34
C MET B 377 -24.44 -30.24 -26.11
N PRO B 378 -23.93 -29.46 -25.14
CA PRO B 378 -24.67 -29.16 -23.90
C PRO B 378 -25.59 -27.96 -24.04
N ALA B 379 -26.40 -27.72 -23.01
CA ALA B 379 -27.32 -26.59 -23.00
C ALA B 379 -26.60 -25.40 -22.37
N GLN B 380 -26.75 -24.23 -22.97
CA GLN B 380 -26.07 -23.05 -22.44
C GLN B 380 -26.38 -22.82 -20.98
N LYS B 381 -25.35 -22.90 -20.14
CA LYS B 381 -25.48 -22.69 -18.71
C LYS B 381 -25.69 -21.21 -18.45
#